data_6VCJ
#
_entry.id   6VCJ
#
_cell.length_a   38.397
_cell.length_b   124.457
_cell.length_c   84.614
_cell.angle_alpha   90.000
_cell.angle_beta   96.346
_cell.angle_gamma   90.000
#
_symmetry.space_group_name_H-M   'P 1 21 1'
#
loop_
_entity.id
_entity.type
_entity.pdbx_description
1 polymer 'Dihydrofolate reductase'
2 non-polymer PYRIMIDINE-2,4-DIAMINE
3 non-polymer '(2R)-2-(6-methoxynaphthalen-2-yl)propanoic acid'
4 non-polymer 'NADP NICOTINAMIDE-ADENINE-DINUCLEOTIDE PHOSPHATE'
5 non-polymer 'FOLIC ACID'
6 water water
#
_entity_poly.entity_id   1
_entity_poly.type   'polypeptide(L)'
_entity_poly.pdbx_seq_one_letter_code
;GMVGSLNCIVAVSQNMGIGKNGDLPWPPLRNEFRYFQRMTTTSSVEGKQNLVIMGKKTWFSIPEKNRPLKGRINLVLSRE
LKEPPQGAHFLSRSLDDALKLTEQPELANKVDMVWIVGGSSVYKEAMNHPGHLKLFVTRIMQDFESDTFFPEIDLEKYKL
LPEYPGVLSDVQEEKGIKYKFEVYEKND
;
_entity_poly.pdbx_strand_id   A,B,C,D
#
# COMPACT_ATOMS: atom_id res chain seq x y z
N SER A 5 -0.89 -17.03 -2.75
CA SER A 5 -0.01 -17.84 -1.92
C SER A 5 1.34 -17.15 -1.75
N LEU A 6 2.09 -17.58 -0.74
CA LEU A 6 3.38 -16.99 -0.40
C LEU A 6 4.49 -17.97 -0.80
N ASN A 7 5.46 -17.48 -1.55
CA ASN A 7 6.49 -18.33 -2.14
C ASN A 7 7.88 -17.81 -1.81
N CYS A 8 8.78 -18.72 -1.52
CA CYS A 8 10.21 -18.44 -1.44
C CYS A 8 10.90 -19.06 -2.65
N ILE A 9 11.96 -18.39 -3.11
CA ILE A 9 12.77 -18.89 -4.22
C ILE A 9 14.23 -18.64 -3.87
N VAL A 10 15.08 -19.65 -4.12
CA VAL A 10 16.47 -19.57 -3.71
C VAL A 10 17.26 -20.59 -4.53
N ALA A 11 18.55 -20.33 -4.69
CA ALA A 11 19.51 -21.29 -5.19
C ALA A 11 20.56 -21.52 -4.12
N VAL A 12 20.81 -22.78 -3.78
CA VAL A 12 21.71 -23.14 -2.68
C VAL A 12 22.76 -24.11 -3.18
N SER A 13 23.96 -23.99 -2.60
CA SER A 13 25.01 -24.97 -2.83
C SER A 13 24.80 -26.17 -1.90
N GLN A 14 25.61 -27.20 -2.12
CA GLN A 14 25.52 -28.39 -1.27
C GLN A 14 25.71 -28.03 0.19
N ASN A 15 26.63 -27.10 0.48
CA ASN A 15 26.83 -26.57 1.83
C ASN A 15 25.81 -25.51 2.22
N MET A 16 24.70 -25.41 1.48
CA MET A 16 23.59 -24.52 1.83
C MET A 16 24.02 -23.05 1.84
N GLY A 17 25.02 -22.71 1.04
CA GLY A 17 25.44 -21.33 0.89
C GLY A 17 24.66 -20.62 -0.20
N ILE A 18 24.43 -19.32 0.02
CA ILE A 18 23.70 -18.51 -0.95
C ILE A 18 24.46 -17.27 -1.38
N GLY A 19 25.39 -16.75 -0.59
CA GLY A 19 26.09 -15.52 -0.97
C GLY A 19 27.53 -15.55 -0.50
N LYS A 20 28.33 -14.68 -1.13
CA LYS A 20 29.72 -14.50 -0.77
C LYS A 20 30.11 -13.08 -1.14
N ASN A 21 30.35 -12.24 -0.14
CA ASN A 21 30.75 -10.85 -0.35
C ASN A 21 29.71 -10.11 -1.20
N GLY A 22 28.44 -10.30 -0.86
CA GLY A 22 27.36 -9.61 -1.55
C GLY A 22 27.10 -10.05 -2.96
N ASP A 23 27.63 -11.20 -3.38
CA ASP A 23 27.39 -11.77 -4.69
C ASP A 23 27.06 -13.26 -4.53
N LEU A 24 26.83 -13.93 -5.65
CA LEU A 24 26.57 -15.36 -5.58
C LEU A 24 27.89 -16.12 -5.45
N PRO A 25 27.90 -17.24 -4.73
CA PRO A 25 29.16 -17.99 -4.56
C PRO A 25 29.67 -18.66 -5.84
N TRP A 26 28.84 -18.77 -6.87
CA TRP A 26 29.17 -19.47 -8.10
C TRP A 26 29.11 -18.52 -9.27
N PRO A 27 29.71 -18.88 -10.40
CA PRO A 27 29.64 -18.01 -11.59
C PRO A 27 28.23 -17.95 -12.13
N PRO A 28 27.92 -16.97 -12.97
CA PRO A 28 26.55 -16.85 -13.50
C PRO A 28 26.13 -18.09 -14.26
N LEU A 29 24.97 -18.62 -13.89
CA LEU A 29 24.33 -19.73 -14.60
C LEU A 29 23.14 -19.14 -15.36
N ARG A 30 23.32 -18.91 -16.66
CA ARG A 30 22.35 -18.13 -17.43
C ARG A 30 20.95 -18.72 -17.33
N ASN A 31 20.82 -20.04 -17.45
CA ASN A 31 19.50 -20.66 -17.45
C ASN A 31 18.88 -20.70 -16.06
N GLU A 32 19.69 -20.82 -15.01
CA GLU A 32 19.13 -20.79 -13.66
C GLU A 32 18.58 -19.41 -13.33
N PHE A 33 19.27 -18.35 -13.77
CA PHE A 33 18.74 -17.00 -13.58
C PHE A 33 17.46 -16.80 -14.39
N ARG A 34 17.42 -17.32 -15.62
CA ARG A 34 16.19 -17.27 -16.40
C ARG A 34 15.03 -17.91 -15.63
N TYR A 35 15.29 -19.08 -15.02
CA TYR A 35 14.28 -19.72 -14.20
C TYR A 35 13.78 -18.78 -13.11
N PHE A 36 14.70 -18.10 -12.42
CA PHE A 36 14.30 -17.13 -11.40
C PHE A 36 13.43 -16.04 -12.02
N GLN A 37 13.86 -15.49 -13.15
CA GLN A 37 13.08 -14.46 -13.82
C GLN A 37 11.68 -14.97 -14.18
N ARG A 38 11.60 -16.19 -14.71
CA ARG A 38 10.31 -16.71 -15.17
C ARG A 38 9.37 -16.93 -13.98
N MET A 39 9.84 -17.63 -12.95
CA MET A 39 8.96 -17.96 -11.84
C MET A 39 8.46 -16.71 -11.11
N THR A 40 9.35 -15.74 -10.88
CA THR A 40 8.96 -14.55 -10.14
C THR A 40 8.14 -13.59 -10.99
N THR A 41 8.34 -13.57 -12.30
CA THR A 41 7.65 -12.60 -13.14
C THR A 41 6.29 -13.09 -13.64
N THR A 42 6.12 -14.40 -13.81
CA THR A 42 4.90 -14.93 -14.41
C THR A 42 3.78 -14.99 -13.38
N SER A 43 2.70 -14.27 -13.63
CA SER A 43 1.51 -14.32 -12.79
C SER A 43 0.51 -15.32 -13.36
N SER A 44 -0.11 -16.09 -12.46
CA SER A 44 -1.14 -17.05 -12.84
C SER A 44 -2.54 -16.43 -12.85
N VAL A 45 -2.63 -15.10 -12.90
CA VAL A 45 -3.90 -14.39 -12.94
C VAL A 45 -3.77 -13.24 -13.92
N GLU A 46 -4.62 -13.22 -14.93
CA GLU A 46 -4.52 -12.24 -16.00
C GLU A 46 -4.63 -10.82 -15.45
N GLY A 47 -3.76 -9.93 -15.93
CA GLY A 47 -3.82 -8.53 -15.57
C GLY A 47 -3.15 -8.16 -14.27
N LYS A 48 -2.69 -9.13 -13.48
CA LYS A 48 -2.03 -8.85 -12.21
C LYS A 48 -0.52 -9.06 -12.34
N GLN A 49 0.22 -8.36 -11.49
CA GLN A 49 1.66 -8.45 -11.40
C GLN A 49 2.05 -9.34 -10.23
N ASN A 50 3.33 -9.72 -10.20
CA ASN A 50 3.91 -10.38 -9.04
C ASN A 50 4.76 -9.38 -8.25
N LEU A 51 4.92 -9.65 -6.96
CA LEU A 51 5.64 -8.78 -6.05
C LEU A 51 6.75 -9.56 -5.37
N VAL A 52 7.93 -8.96 -5.29
CA VAL A 52 9.10 -9.59 -4.69
C VAL A 52 9.45 -8.82 -3.41
N ILE A 53 9.72 -9.56 -2.34
CA ILE A 53 10.17 -9.02 -1.07
C ILE A 53 11.61 -9.46 -0.86
N MET A 54 12.49 -8.51 -0.51
CA MET A 54 13.90 -8.83 -0.36
C MET A 54 14.51 -7.94 0.71
N GLY A 55 15.53 -8.48 1.38
CA GLY A 55 16.32 -7.70 2.31
C GLY A 55 17.18 -6.67 1.60
N LYS A 56 17.80 -5.81 2.40
CA LYS A 56 18.53 -4.67 1.84
C LYS A 56 19.78 -5.11 1.10
N LYS A 57 20.53 -6.08 1.66
CA LYS A 57 21.76 -6.50 0.99
C LYS A 57 21.46 -7.22 -0.32
N THR A 58 20.40 -8.03 -0.35
CA THR A 58 20.02 -8.68 -1.60
C THR A 58 19.69 -7.64 -2.66
N TRP A 59 18.95 -6.60 -2.30
CA TRP A 59 18.63 -5.54 -3.25
C TRP A 59 19.90 -4.96 -3.87
N PHE A 60 20.89 -4.65 -3.04
CA PHE A 60 22.12 -4.07 -3.56
C PHE A 60 23.02 -5.11 -4.21
N SER A 61 22.77 -6.40 -3.98
CA SER A 61 23.50 -7.44 -4.70
C SER A 61 23.03 -7.58 -6.13
N ILE A 62 21.95 -6.92 -6.51
CA ILE A 62 21.45 -6.94 -7.88
C ILE A 62 22.16 -5.83 -8.65
N PRO A 63 22.74 -6.10 -9.82
CA PRO A 63 23.41 -5.02 -10.57
C PRO A 63 22.48 -3.84 -10.80
N GLU A 64 23.01 -2.63 -10.58
CA GLU A 64 22.19 -1.44 -10.64
C GLU A 64 21.38 -1.35 -11.92
N LYS A 65 21.91 -1.88 -13.03
CA LYS A 65 21.20 -1.76 -14.31
C LYS A 65 19.95 -2.64 -14.36
N ASN A 66 19.86 -3.65 -13.49
CA ASN A 66 18.68 -4.50 -13.41
C ASN A 66 17.71 -4.07 -12.31
N ARG A 67 18.04 -3.01 -11.56
CA ARG A 67 17.17 -2.56 -10.48
C ARG A 67 16.22 -1.47 -10.99
N PRO A 68 14.91 -1.56 -10.70
CA PRO A 68 14.25 -2.66 -10.00
C PRO A 68 14.08 -3.86 -10.91
N LEU A 69 13.83 -5.04 -10.34
CA LEU A 69 13.56 -6.23 -11.14
C LEU A 69 12.33 -5.96 -12.01
N LYS A 70 12.52 -5.93 -13.33
CA LYS A 70 11.46 -5.49 -14.22
C LYS A 70 10.30 -6.47 -14.22
N GLY A 71 9.11 -5.95 -14.52
CA GLY A 71 7.90 -6.75 -14.54
C GLY A 71 7.38 -7.14 -13.18
N ARG A 72 8.09 -6.83 -12.10
CA ARG A 72 7.68 -7.18 -10.75
C ARG A 72 7.73 -5.95 -9.86
N ILE A 73 6.87 -5.94 -8.85
CA ILE A 73 6.87 -4.89 -7.83
C ILE A 73 7.91 -5.26 -6.79
N ASN A 74 8.89 -4.37 -6.59
CA ASN A 74 10.02 -4.62 -5.72
C ASN A 74 9.79 -3.95 -4.37
N LEU A 75 9.82 -4.75 -3.30
CA LEU A 75 9.69 -4.24 -1.94
C LEU A 75 10.95 -4.62 -1.16
N VAL A 76 11.52 -3.64 -0.46
CA VAL A 76 12.75 -3.83 0.29
C VAL A 76 12.42 -3.77 1.78
N LEU A 77 13.16 -4.55 2.56
CA LEU A 77 13.05 -4.57 4.01
C LEU A 77 14.28 -3.89 4.61
N SER A 78 14.05 -2.99 5.57
CA SER A 78 15.14 -2.32 6.25
C SER A 78 14.60 -1.64 7.49
N ARG A 79 15.41 -1.67 8.56
CA ARG A 79 15.12 -0.93 9.78
C ARG A 79 15.94 0.35 9.90
N GLU A 80 16.98 0.50 9.08
CA GLU A 80 17.91 1.63 9.17
C GLU A 80 17.63 2.70 8.12
N LEU A 81 17.43 2.30 6.87
CA LEU A 81 17.24 3.26 5.79
C LEU A 81 16.14 4.26 6.11
N LYS A 82 16.42 5.54 5.91
CA LYS A 82 15.41 6.56 6.07
C LYS A 82 14.43 6.54 4.88
N GLU A 83 14.96 6.63 3.68
CA GLU A 83 14.17 6.59 2.45
C GLU A 83 14.33 5.24 1.76
N PRO A 84 13.34 4.84 0.96
CA PRO A 84 13.50 3.60 0.17
C PRO A 84 14.63 3.75 -0.83
N PRO A 85 15.42 2.70 -1.07
CA PRO A 85 16.50 2.82 -2.06
C PRO A 85 15.95 3.29 -3.39
N GLN A 86 16.72 4.14 -4.07
CA GLN A 86 16.33 4.63 -5.39
C GLN A 86 16.03 3.47 -6.32
N GLY A 87 14.79 3.44 -6.83
CA GLY A 87 14.34 2.41 -7.74
C GLY A 87 13.36 1.43 -7.12
N ALA A 88 13.31 1.33 -5.80
CA ALA A 88 12.37 0.43 -5.13
C ALA A 88 10.98 1.04 -5.10
N HIS A 89 9.96 0.16 -5.12
CA HIS A 89 8.57 0.60 -5.09
C HIS A 89 8.03 0.77 -3.68
N PHE A 90 8.45 -0.05 -2.74
CA PHE A 90 7.99 0.04 -1.36
C PHE A 90 9.14 -0.22 -0.41
N LEU A 91 9.00 0.31 0.80
CA LEU A 91 9.90 0.02 1.90
C LEU A 91 9.06 -0.40 3.10
N SER A 92 9.53 -1.43 3.81
CA SER A 92 8.84 -1.92 5.00
C SER A 92 9.85 -2.16 6.10
N ARG A 93 9.39 -2.02 7.34
CA ARG A 93 10.24 -2.17 8.51
C ARG A 93 10.23 -3.58 9.09
N SER A 94 9.43 -4.47 8.53
CA SER A 94 9.38 -5.85 8.99
C SER A 94 8.71 -6.69 7.91
N LEU A 95 8.93 -8.00 7.99
CA LEU A 95 8.30 -8.90 7.04
C LEU A 95 6.77 -8.78 7.10
N ASP A 96 6.22 -8.73 8.31
CA ASP A 96 4.76 -8.75 8.45
C ASP A 96 4.13 -7.43 8.02
N ASP A 97 4.80 -6.30 8.25
CA ASP A 97 4.32 -5.06 7.67
C ASP A 97 4.23 -5.17 6.15
N ALA A 98 5.24 -5.78 5.54
CA ALA A 98 5.22 -5.93 4.08
C ALA A 98 4.08 -6.82 3.64
N LEU A 99 3.89 -7.96 4.31
CA LEU A 99 2.82 -8.88 3.95
C LEU A 99 1.46 -8.24 4.15
N LYS A 100 1.26 -7.58 5.29
CA LYS A 100 0.02 -6.83 5.50
C LYS A 100 -0.22 -5.83 4.38
N LEU A 101 0.87 -5.28 3.81
CA LEU A 101 0.73 -4.31 2.73
C LEU A 101 0.24 -4.97 1.45
N THR A 102 0.80 -6.13 1.09
CA THR A 102 0.37 -6.82 -0.12
C THR A 102 -1.10 -7.18 -0.07
N GLU A 103 -1.69 -7.27 1.12
CA GLU A 103 -3.10 -7.61 1.26
C GLU A 103 -4.02 -6.40 1.14
N GLN A 104 -3.48 -5.19 1.13
CA GLN A 104 -4.30 -4.00 0.93
C GLN A 104 -4.99 -4.10 -0.42
N PRO A 105 -6.32 -3.88 -0.49
CA PRO A 105 -7.01 -4.02 -1.78
C PRO A 105 -6.36 -3.28 -2.94
N GLU A 106 -5.85 -2.08 -2.72
CA GLU A 106 -5.22 -1.35 -3.81
C GLU A 106 -4.04 -2.12 -4.40
N LEU A 107 -3.36 -2.93 -3.59
CA LEU A 107 -2.32 -3.82 -4.10
C LEU A 107 -2.88 -5.16 -4.54
N ALA A 108 -3.60 -5.83 -3.67
CA ALA A 108 -4.13 -7.14 -3.99
C ALA A 108 -4.83 -7.29 -5.35
N ASN A 109 -5.41 -6.21 -5.82
CA ASN A 109 -6.10 -6.17 -7.10
C ASN A 109 -5.14 -6.06 -8.26
N LYS A 110 -3.89 -5.85 -7.98
CA LYS A 110 -2.91 -5.71 -8.99
C LYS A 110 -1.80 -6.69 -8.74
N VAL A 111 -1.93 -7.50 -7.71
CA VAL A 111 -0.82 -8.37 -7.37
C VAL A 111 -1.34 -9.79 -7.22
N ASP A 112 -0.63 -10.75 -7.80
CA ASP A 112 -0.96 -12.16 -7.63
C ASP A 112 -0.05 -12.82 -6.62
N MET A 113 1.15 -13.23 -7.05
CA MET A 113 2.06 -13.97 -6.18
C MET A 113 3.01 -13.02 -5.45
N VAL A 114 3.33 -13.39 -4.22
CA VAL A 114 4.37 -12.72 -3.44
C VAL A 114 5.56 -13.68 -3.35
N TRP A 115 6.74 -13.18 -3.72
CA TRP A 115 7.96 -13.99 -3.73
C TRP A 115 8.96 -13.41 -2.74
N ILE A 116 9.40 -14.24 -1.79
CA ILE A 116 10.54 -13.92 -0.95
C ILE A 116 11.81 -14.31 -1.72
N VAL A 117 12.70 -13.34 -1.92
CA VAL A 117 13.90 -13.59 -2.71
C VAL A 117 15.17 -13.35 -1.90
N GLY A 118 15.09 -13.42 -0.58
CA GLY A 118 16.26 -13.32 0.27
C GLY A 118 16.34 -12.01 1.05
N GLY A 119 17.28 -11.90 1.98
CA GLY A 119 18.28 -12.92 2.25
C GLY A 119 17.93 -13.90 3.36
N SER A 120 18.96 -14.25 4.15
CA SER A 120 18.85 -15.39 5.06
C SER A 120 17.76 -15.19 6.11
N SER A 121 17.82 -14.08 6.85
CA SER A 121 16.84 -13.86 7.91
C SER A 121 15.43 -13.72 7.34
N VAL A 122 15.29 -13.13 6.15
CA VAL A 122 13.98 -13.05 5.52
C VAL A 122 13.46 -14.44 5.20
N TYR A 123 14.33 -15.31 4.70
CA TYR A 123 13.94 -16.69 4.43
C TYR A 123 13.47 -17.38 5.71
N LYS A 124 14.21 -17.22 6.80
CA LYS A 124 13.91 -17.95 8.03
C LYS A 124 12.55 -17.54 8.59
N GLU A 125 12.29 -16.23 8.68
CA GLU A 125 11.03 -15.77 9.24
C GLU A 125 9.85 -16.22 8.37
N ALA A 126 10.02 -16.20 7.04
CA ALA A 126 8.94 -16.61 6.15
C ALA A 126 8.66 -18.10 6.27
N MET A 127 9.70 -18.92 6.33
CA MET A 127 9.50 -20.37 6.34
C MET A 127 8.80 -20.83 7.62
N ASN A 128 8.96 -20.08 8.72
CA ASN A 128 8.25 -20.39 9.95
C ASN A 128 6.89 -19.72 10.02
N HIS A 129 6.62 -18.78 9.12
CA HIS A 129 5.31 -18.15 9.04
C HIS A 129 4.23 -19.22 8.90
N PRO A 130 3.15 -19.15 9.69
CA PRO A 130 2.08 -20.14 9.55
C PRO A 130 1.22 -19.85 8.32
N GLY A 131 0.80 -20.93 7.65
CA GLY A 131 -0.05 -20.82 6.48
C GLY A 131 0.46 -21.72 5.38
N HIS A 132 0.06 -21.40 4.16
CA HIS A 132 0.48 -22.15 2.98
C HIS A 132 1.75 -21.51 2.42
N LEU A 133 2.84 -22.29 2.38
CA LEU A 133 4.13 -21.79 1.93
C LEU A 133 4.75 -22.79 0.97
N LYS A 134 5.29 -22.29 -0.13
CA LYS A 134 6.04 -23.09 -1.09
C LYS A 134 7.47 -22.56 -1.17
N LEU A 135 8.43 -23.47 -1.25
CA LEU A 135 9.84 -23.12 -1.36
C LEU A 135 10.35 -23.64 -2.69
N PHE A 136 10.78 -22.72 -3.56
CA PHE A 136 11.37 -23.07 -4.85
C PHE A 136 12.88 -23.06 -4.67
N VAL A 137 13.46 -24.24 -4.52
CA VAL A 137 14.86 -24.41 -4.14
C VAL A 137 15.61 -25.04 -5.31
N THR A 138 16.62 -24.34 -5.81
CA THR A 138 17.54 -24.90 -6.79
C THR A 138 18.74 -25.50 -6.06
N ARG A 139 18.90 -26.82 -6.19
CA ARG A 139 20.00 -27.53 -5.54
C ARG A 139 21.21 -27.48 -6.47
N ILE A 140 22.16 -26.60 -6.16
CA ILE A 140 23.44 -26.59 -6.85
C ILE A 140 24.27 -27.74 -6.28
N MET A 141 24.70 -28.66 -7.15
CA MET A 141 25.32 -29.91 -6.72
C MET A 141 26.84 -29.78 -6.69
N GLN A 142 27.32 -28.90 -5.82
CA GLN A 142 28.74 -28.61 -5.70
C GLN A 142 28.97 -27.63 -4.56
N ASP A 143 30.00 -27.87 -3.75
CA ASP A 143 30.28 -26.99 -2.62
C ASP A 143 30.91 -25.69 -3.11
N PHE A 144 30.52 -24.59 -2.50
CA PHE A 144 31.01 -23.27 -2.87
C PHE A 144 31.29 -22.44 -1.63
N GLU A 145 32.37 -21.68 -1.66
CA GLU A 145 32.73 -20.82 -0.54
C GLU A 145 31.65 -19.76 -0.33
N SER A 146 31.08 -19.72 0.87
CA SER A 146 29.94 -18.85 1.16
C SER A 146 30.08 -18.24 2.55
N ASP A 147 29.64 -17.00 2.69
CA ASP A 147 29.53 -16.33 3.98
C ASP A 147 28.08 -16.15 4.42
N THR A 148 27.12 -16.50 3.57
CA THR A 148 25.70 -16.43 3.90
C THR A 148 25.05 -17.75 3.50
N PHE A 149 24.17 -18.26 4.36
CA PHE A 149 23.61 -19.60 4.20
C PHE A 149 22.09 -19.56 4.31
N PHE A 150 21.46 -20.54 3.66
CA PHE A 150 20.02 -20.74 3.72
C PHE A 150 19.65 -21.47 5.02
N PRO A 151 18.60 -21.04 5.72
CA PRO A 151 18.23 -21.72 6.96
C PRO A 151 17.71 -23.13 6.70
N GLU A 152 17.56 -23.87 7.80
CA GLU A 152 17.13 -25.27 7.71
C GLU A 152 15.74 -25.38 7.10
N ILE A 153 15.53 -26.41 6.30
CA ILE A 153 14.21 -26.82 5.86
C ILE A 153 13.74 -27.91 6.81
N ASP A 154 12.62 -27.66 7.49
CA ASP A 154 12.04 -28.62 8.42
C ASP A 154 11.20 -29.61 7.62
N LEU A 155 11.69 -30.85 7.49
CA LEU A 155 10.97 -31.87 6.73
C LEU A 155 9.84 -32.51 7.53
N GLU A 156 9.65 -32.13 8.78
CA GLU A 156 8.43 -32.48 9.50
C GLU A 156 7.25 -31.60 9.09
N LYS A 157 7.51 -30.49 8.40
CA LYS A 157 6.47 -29.58 7.91
C LYS A 157 6.47 -29.45 6.40
N TYR A 158 7.65 -29.44 5.77
CA TYR A 158 7.76 -29.23 4.33
C TYR A 158 7.88 -30.57 3.62
N LYS A 159 7.13 -30.71 2.53
CA LYS A 159 7.10 -31.91 1.72
C LYS A 159 7.64 -31.60 0.34
N LEU A 160 8.63 -32.36 -0.10
CA LEU A 160 9.13 -32.23 -1.47
C LEU A 160 8.09 -32.78 -2.44
N LEU A 161 7.59 -31.93 -3.32
CA LEU A 161 6.61 -32.36 -4.29
C LEU A 161 7.30 -33.10 -5.43
N PRO A 162 6.66 -34.14 -5.99
CA PRO A 162 7.31 -34.90 -7.07
C PRO A 162 7.32 -34.16 -8.40
N GLU A 163 6.50 -33.11 -8.56
CA GLU A 163 6.45 -32.35 -9.80
C GLU A 163 5.77 -31.02 -9.52
N TYR A 164 5.93 -30.08 -10.44
CA TYR A 164 5.26 -28.80 -10.30
C TYR A 164 5.08 -28.17 -11.66
N PRO A 165 3.95 -27.52 -11.94
CA PRO A 165 3.73 -26.97 -13.29
C PRO A 165 4.81 -25.96 -13.67
N GLY A 166 5.34 -26.12 -14.88
CA GLY A 166 6.32 -25.20 -15.42
C GLY A 166 7.73 -25.41 -14.91
N VAL A 167 8.00 -26.49 -14.19
CA VAL A 167 9.32 -26.77 -13.64
C VAL A 167 9.82 -28.09 -14.23
N LEU A 168 11.03 -28.04 -14.80
CA LEU A 168 11.69 -29.25 -15.26
C LEU A 168 12.39 -29.92 -14.08
N SER A 169 12.08 -31.19 -13.86
CA SER A 169 12.64 -31.92 -12.73
C SER A 169 13.92 -32.68 -13.08
N ASP A 170 14.31 -32.69 -14.36
CA ASP A 170 15.55 -33.36 -14.75
C ASP A 170 16.76 -32.55 -14.30
N VAL A 171 17.87 -33.26 -14.09
CA VAL A 171 19.11 -32.59 -13.71
C VAL A 171 19.57 -31.69 -14.85
N GLN A 172 19.99 -30.48 -14.49
CA GLN A 172 20.48 -29.49 -15.44
C GLN A 172 21.99 -29.32 -15.25
N GLU A 173 22.61 -28.63 -16.20
CA GLU A 173 24.06 -28.41 -16.13
C GLU A 173 24.42 -27.16 -16.91
N GLU A 174 25.23 -26.30 -16.29
CA GLU A 174 25.75 -25.11 -16.94
C GLU A 174 27.16 -24.84 -16.43
N LYS A 175 28.00 -24.32 -17.33
CA LYS A 175 29.40 -24.05 -17.02
C LYS A 175 30.05 -25.23 -16.30
N GLY A 176 29.56 -26.44 -16.58
CA GLY A 176 30.07 -27.64 -15.95
C GLY A 176 29.48 -27.97 -14.60
N ILE A 177 28.55 -27.15 -14.10
CA ILE A 177 27.98 -27.30 -12.76
C ILE A 177 26.57 -27.85 -12.89
N LYS A 178 26.25 -28.88 -12.10
CA LYS A 178 24.96 -29.55 -12.18
C LYS A 178 24.02 -29.01 -11.10
N TYR A 179 22.74 -28.93 -11.43
CA TYR A 179 21.74 -28.48 -10.48
C TYR A 179 20.37 -29.00 -10.91
N LYS A 180 19.43 -28.97 -9.97
CA LYS A 180 18.06 -29.40 -10.22
C LYS A 180 17.09 -28.49 -9.48
N PHE A 181 15.91 -28.30 -10.06
CA PHE A 181 14.87 -27.48 -9.47
C PHE A 181 13.98 -28.32 -8.57
N GLU A 182 13.77 -27.86 -7.35
CA GLU A 182 12.89 -28.52 -6.39
C GLU A 182 11.84 -27.54 -5.90
N VAL A 183 10.73 -28.08 -5.40
CA VAL A 183 9.64 -27.28 -4.84
C VAL A 183 9.12 -28.00 -3.61
N TYR A 184 9.21 -27.33 -2.46
CA TYR A 184 8.66 -27.85 -1.20
C TYR A 184 7.39 -27.10 -0.85
N GLU A 185 6.56 -27.74 -0.03
CA GLU A 185 5.25 -27.19 0.31
C GLU A 185 4.88 -27.55 1.73
N LYS A 186 4.23 -26.62 2.42
CA LYS A 186 3.62 -26.89 3.72
C LYS A 186 2.30 -26.15 3.79
N ASN A 187 1.38 -26.68 4.60
CA ASN A 187 0.07 -26.07 4.81
C ASN A 187 -0.16 -25.93 6.30
N ASP A 188 -0.24 -24.70 6.77
CA ASP A 188 -0.41 -24.42 8.21
C ASP A 188 0.76 -25.01 8.99
N GLY B 4 3.09 16.02 -2.67
CA GLY B 4 1.74 16.56 -2.64
C GLY B 4 1.47 17.40 -1.42
N SER B 5 0.28 18.01 -1.38
CA SER B 5 -0.11 18.88 -0.27
C SER B 5 -1.10 18.16 0.63
N LEU B 6 -1.01 18.44 1.93
CA LEU B 6 -1.90 17.85 2.92
C LEU B 6 -3.02 18.83 3.24
N ASN B 7 -4.25 18.43 2.99
CA ASN B 7 -5.41 19.30 3.14
C ASN B 7 -6.47 18.64 4.00
N CYS B 8 -7.20 19.47 4.75
CA CYS B 8 -8.41 19.05 5.43
C CYS B 8 -9.60 19.76 4.78
N ILE B 9 -10.74 19.07 4.72
CA ILE B 9 -11.96 19.63 4.19
C ILE B 9 -13.12 19.26 5.11
N VAL B 10 -13.93 20.25 5.48
CA VAL B 10 -15.00 20.05 6.45
C VAL B 10 -16.09 21.07 6.20
N ALA B 11 -17.31 20.72 6.60
CA ALA B 11 -18.43 21.65 6.69
C ALA B 11 -18.88 21.68 8.14
N VAL B 12 -19.02 22.89 8.71
CA VAL B 12 -19.19 23.05 10.14
C VAL B 12 -20.24 24.12 10.42
N SER B 13 -20.95 23.97 11.52
CA SER B 13 -21.99 24.89 11.94
C SER B 13 -21.44 25.91 12.93
N GLN B 14 -22.25 26.94 13.19
CA GLN B 14 -21.84 28.02 14.09
C GLN B 14 -21.41 27.47 15.44
N ASN B 15 -22.10 26.42 15.92
CA ASN B 15 -21.75 25.77 17.17
C ASN B 15 -20.70 24.68 16.99
N MET B 16 -20.03 24.65 15.83
CA MET B 16 -18.88 23.78 15.59
C MET B 16 -19.26 22.33 15.40
N GLY B 17 -20.51 22.04 15.04
CA GLY B 17 -20.95 20.67 14.85
C GLY B 17 -20.71 20.21 13.42
N ILE B 18 -20.35 18.95 13.26
CA ILE B 18 -20.14 18.35 11.96
C ILE B 18 -21.03 17.14 11.70
N GLY B 19 -21.56 16.49 12.73
CA GLY B 19 -22.39 15.32 12.52
C GLY B 19 -23.39 15.12 13.63
N LYS B 20 -24.45 14.39 13.30
CA LYS B 20 -25.51 14.04 14.26
C LYS B 20 -25.99 12.63 13.95
N ASN B 21 -25.81 11.74 14.91
CA ASN B 21 -26.25 10.34 14.81
C ASN B 21 -25.88 9.75 13.46
N GLY B 22 -24.60 9.84 13.11
CA GLY B 22 -24.07 9.18 11.93
C GLY B 22 -24.32 9.90 10.63
N ASP B 23 -24.83 11.13 10.66
CA ASP B 23 -25.13 11.87 9.44
C ASP B 23 -24.78 13.33 9.65
N LEU B 24 -25.06 14.16 8.64
CA LEU B 24 -24.78 15.58 8.75
C LEU B 24 -25.85 16.27 9.60
N PRO B 25 -25.47 17.28 10.40
CA PRO B 25 -26.48 17.92 11.26
C PRO B 25 -27.54 18.69 10.49
N TRP B 26 -27.28 19.05 9.24
CA TRP B 26 -28.16 19.89 8.45
C TRP B 26 -28.74 19.11 7.28
N PRO B 27 -29.79 19.62 6.64
CA PRO B 27 -30.31 18.96 5.44
C PRO B 27 -29.28 18.94 4.33
N PRO B 28 -29.37 18.01 3.39
CA PRO B 28 -28.35 17.93 2.33
C PRO B 28 -28.38 19.16 1.44
N LEU B 29 -27.19 19.67 1.14
CA LEU B 29 -27.01 20.87 0.32
C LEU B 29 -26.30 20.44 -0.96
N ARG B 30 -27.08 20.31 -2.04
CA ARG B 30 -26.55 19.74 -3.29
C ARG B 30 -25.27 20.44 -3.73
N ASN B 31 -25.22 21.77 -3.62
CA ASN B 31 -24.06 22.50 -4.09
C ASN B 31 -22.87 22.34 -3.16
N GLU B 32 -23.10 22.32 -1.85
CA GLU B 32 -22.01 22.12 -0.91
C GLU B 32 -21.38 20.74 -1.07
N PHE B 33 -22.19 19.73 -1.42
CA PHE B 33 -21.64 18.41 -1.69
C PHE B 33 -20.84 18.41 -2.99
N ARG B 34 -21.36 19.04 -4.04
CA ARG B 34 -20.60 19.17 -5.27
C ARG B 34 -19.24 19.80 -5.01
N TYR B 35 -19.19 20.77 -4.10
CA TYR B 35 -17.92 21.40 -3.76
C TYR B 35 -16.94 20.39 -3.17
N PHE B 36 -17.41 19.58 -2.22
CA PHE B 36 -16.54 18.56 -1.63
C PHE B 36 -16.00 17.61 -2.70
N GLN B 37 -16.85 17.22 -3.66
CA GLN B 37 -16.41 16.27 -4.68
C GLN B 37 -15.37 16.88 -5.60
N ARG B 38 -15.58 18.14 -6.01
CA ARG B 38 -14.66 18.77 -6.95
C ARG B 38 -13.29 18.98 -6.31
N MET B 39 -13.25 19.37 -5.04
CA MET B 39 -11.98 19.67 -4.39
C MET B 39 -11.20 18.40 -4.08
N THR B 40 -11.89 17.36 -3.62
CA THR B 40 -11.20 16.11 -3.29
C THR B 40 -10.82 15.32 -4.53
N THR B 41 -11.56 15.47 -5.61
CA THR B 41 -11.37 14.64 -6.80
C THR B 41 -10.33 15.21 -7.75
N THR B 42 -10.44 16.49 -8.10
CA THR B 42 -9.61 17.05 -9.14
C THR B 42 -8.16 17.20 -8.64
N SER B 43 -7.24 16.58 -9.37
CA SER B 43 -5.82 16.63 -9.05
C SER B 43 -5.18 17.85 -9.70
N SER B 44 -4.06 18.29 -9.13
CA SER B 44 -3.27 19.38 -9.69
C SER B 44 -2.10 18.89 -10.53
N VAL B 45 -1.96 17.57 -10.70
CA VAL B 45 -0.95 16.97 -11.57
C VAL B 45 -1.66 15.92 -12.40
N GLU B 46 -1.74 16.15 -13.71
CA GLU B 46 -2.44 15.21 -14.57
C GLU B 46 -1.73 13.87 -14.59
N GLY B 47 -2.51 12.81 -14.82
CA GLY B 47 -2.01 11.46 -14.69
C GLY B 47 -1.98 10.92 -13.28
N LYS B 48 -2.57 11.65 -12.32
CA LYS B 48 -2.50 11.27 -10.92
C LYS B 48 -3.88 11.43 -10.27
N GLN B 49 -4.07 10.68 -9.19
CA GLN B 49 -5.29 10.71 -8.40
C GLN B 49 -5.05 11.43 -7.08
N ASN B 50 -6.15 11.82 -6.44
CA ASN B 50 -6.11 12.25 -5.06
C ASN B 50 -6.50 11.10 -4.14
N LEU B 51 -6.05 11.20 -2.90
CA LEU B 51 -6.33 10.21 -1.86
C LEU B 51 -7.08 10.87 -0.71
N VAL B 52 -8.05 10.15 -0.16
CA VAL B 52 -8.83 10.63 0.98
C VAL B 52 -8.58 9.70 2.16
N ILE B 53 -8.37 10.29 3.32
CA ILE B 53 -8.21 9.56 4.59
C ILE B 53 -9.40 9.90 5.45
N MET B 54 -9.97 8.88 6.10
CA MET B 54 -11.16 9.10 6.92
C MET B 54 -11.23 8.06 8.03
N GLY B 55 -11.92 8.43 9.11
CA GLY B 55 -12.22 7.48 10.16
C GLY B 55 -13.31 6.50 9.74
N LYS B 56 -13.52 5.49 10.59
CA LYS B 56 -14.45 4.43 10.24
C LYS B 56 -15.88 4.95 10.16
N LYS B 57 -16.31 5.75 11.13
CA LYS B 57 -17.69 6.22 11.15
C LYS B 57 -17.98 7.14 9.97
N THR B 58 -17.03 7.99 9.59
CA THR B 58 -17.21 8.82 8.41
C THR B 58 -17.41 7.97 7.17
N TRP B 59 -16.67 6.88 7.05
CA TRP B 59 -16.84 5.98 5.90
C TRP B 59 -18.27 5.50 5.79
N PHE B 60 -18.84 5.04 6.90
CA PHE B 60 -20.22 4.53 6.88
C PHE B 60 -21.26 5.64 6.84
N SER B 61 -20.87 6.90 7.04
CA SER B 61 -21.78 8.01 6.80
C SER B 61 -21.93 8.32 5.31
N ILE B 62 -21.11 7.69 4.47
CA ILE B 62 -21.22 7.84 3.02
C ILE B 62 -22.23 6.80 2.53
N PRO B 63 -23.28 7.18 1.81
CA PRO B 63 -24.24 6.19 1.31
C PRO B 63 -23.52 5.06 0.56
N GLU B 64 -24.03 3.84 0.75
CA GLU B 64 -23.36 2.66 0.20
C GLU B 64 -23.16 2.76 -1.31
N LYS B 65 -23.95 3.57 -2.00
CA LYS B 65 -23.81 3.70 -3.45
C LYS B 65 -22.73 4.71 -3.85
N ASN B 66 -22.25 5.52 -2.92
CA ASN B 66 -21.12 6.40 -3.17
C ASN B 66 -19.79 5.79 -2.73
N ARG B 67 -19.81 4.59 -2.11
CA ARG B 67 -18.59 3.93 -1.65
C ARG B 67 -18.02 3.04 -2.76
N PRO B 68 -16.72 3.16 -3.08
CA PRO B 68 -15.77 4.17 -2.57
C PRO B 68 -15.97 5.49 -3.28
N LEU B 69 -15.50 6.59 -2.67
CA LEU B 69 -15.61 7.89 -3.32
C LEU B 69 -14.92 7.85 -4.66
N LYS B 70 -15.71 8.02 -5.73
CA LYS B 70 -15.23 7.80 -7.08
C LYS B 70 -14.10 8.76 -7.45
N GLY B 71 -13.17 8.25 -8.27
CA GLY B 71 -12.05 9.04 -8.74
C GLY B 71 -10.98 9.30 -7.71
N ARG B 72 -11.07 8.71 -6.53
CA ARG B 72 -10.14 8.97 -5.45
C ARG B 72 -9.76 7.67 -4.77
N ILE B 73 -8.55 7.63 -4.23
CA ILE B 73 -8.12 6.52 -3.38
C ILE B 73 -8.66 6.74 -1.98
N ASN B 74 -9.32 5.73 -1.43
CA ASN B 74 -10.02 5.82 -0.15
C ASN B 74 -9.27 5.00 0.90
N LEU B 75 -8.75 5.68 1.91
CA LEU B 75 -8.08 5.03 3.02
C LEU B 75 -8.91 5.23 4.28
N VAL B 76 -9.17 4.15 5.00
CA VAL B 76 -9.96 4.18 6.23
C VAL B 76 -9.03 3.90 7.42
N LEU B 77 -9.22 4.65 8.49
CA LEU B 77 -8.49 4.47 9.73
C LEU B 77 -9.34 3.66 10.70
N SER B 78 -8.74 2.65 11.32
CA SER B 78 -9.44 1.83 12.31
C SER B 78 -8.43 0.97 13.05
N ARG B 79 -8.61 0.87 14.37
CA ARG B 79 -7.85 -0.08 15.17
C ARG B 79 -8.54 -1.42 15.33
N GLU B 80 -9.85 -1.47 15.07
CA GLU B 80 -10.64 -2.69 15.28
C GLU B 80 -10.59 -3.61 14.07
N LEU B 81 -11.04 -3.12 12.92
CA LEU B 81 -11.27 -3.96 11.75
C LEU B 81 -10.01 -4.75 11.40
N LYS B 82 -10.21 -6.02 11.07
CA LYS B 82 -9.11 -6.86 10.59
C LYS B 82 -8.79 -6.57 9.13
N GLU B 83 -9.81 -6.27 8.32
CA GLU B 83 -9.65 -5.94 6.92
C GLU B 83 -10.36 -4.63 6.63
N PRO B 84 -10.04 -3.99 5.50
CA PRO B 84 -10.72 -2.74 5.16
C PRO B 84 -12.18 -3.01 4.83
N PRO B 85 -13.08 -2.09 5.17
CA PRO B 85 -14.49 -2.29 4.79
C PRO B 85 -14.62 -2.44 3.29
N GLN B 86 -15.51 -3.36 2.88
CA GLN B 86 -15.70 -3.65 1.46
C GLN B 86 -15.87 -2.37 0.66
N GLY B 87 -14.93 -2.11 -0.24
CA GLY B 87 -14.95 -0.93 -1.10
C GLY B 87 -13.75 -0.02 -0.90
N ALA B 88 -13.22 0.04 0.31
CA ALA B 88 -12.07 0.88 0.59
C ALA B 88 -10.81 0.30 -0.03
N HIS B 89 -9.84 1.17 -0.32
CA HIS B 89 -8.59 0.75 -0.94
C HIS B 89 -7.51 0.41 0.07
N PHE B 90 -7.43 1.13 1.18
CA PHE B 90 -6.41 0.88 2.19
C PHE B 90 -7.01 0.92 3.59
N LEU B 91 -6.33 0.24 4.50
CA LEU B 91 -6.64 0.30 5.93
C LEU B 91 -5.35 0.62 6.67
N SER B 92 -5.44 1.56 7.62
CA SER B 92 -4.29 1.94 8.44
C SER B 92 -4.72 2.04 9.88
N ARG B 93 -3.77 1.80 10.79
CA ARG B 93 -4.03 1.84 12.22
C ARG B 93 -3.76 3.21 12.84
N SER B 94 -3.23 4.16 12.07
CA SER B 94 -2.93 5.48 12.60
C SER B 94 -2.72 6.43 11.44
N LEU B 95 -2.83 7.73 11.75
CA LEU B 95 -2.61 8.75 10.73
C LEU B 95 -1.17 8.74 10.24
N ASP B 96 -0.22 8.44 11.11
CA ASP B 96 1.18 8.40 10.68
C ASP B 96 1.43 7.26 9.71
N ASP B 97 0.88 6.08 10.00
CA ASP B 97 1.01 4.96 9.06
C ASP B 97 0.36 5.30 7.72
N ALA B 98 -0.79 5.97 7.76
CA ALA B 98 -1.47 6.33 6.52
C ALA B 98 -0.63 7.30 5.70
N LEU B 99 -0.07 8.33 6.35
CA LEU B 99 0.75 9.30 5.62
C LEU B 99 2.03 8.65 5.10
N LYS B 100 2.72 7.88 5.95
CA LYS B 100 3.91 7.17 5.49
C LYS B 100 3.58 6.28 4.29
N LEU B 101 2.37 5.73 4.25
CA LEU B 101 1.98 4.89 3.11
C LEU B 101 1.87 5.72 1.82
N THR B 102 1.47 6.99 1.92
CA THR B 102 1.33 7.83 0.73
C THR B 102 2.67 8.24 0.14
N GLU B 103 3.75 8.18 0.92
CA GLU B 103 5.07 8.51 0.41
C GLU B 103 5.87 7.27 0.01
N GLN B 104 5.23 6.12 -0.08
CA GLN B 104 5.82 4.98 -0.77
C GLN B 104 5.96 5.33 -2.24
N PRO B 105 7.13 5.12 -2.86
CA PRO B 105 7.30 5.54 -4.26
C PRO B 105 6.21 5.05 -5.20
N GLU B 106 5.69 3.83 -4.97
CA GLU B 106 4.65 3.32 -5.85
C GLU B 106 3.35 4.11 -5.69
N LEU B 107 3.08 4.60 -4.48
CA LEU B 107 1.90 5.45 -4.26
C LEU B 107 2.20 6.92 -4.50
N ALA B 108 3.40 7.37 -4.19
CA ALA B 108 3.76 8.77 -4.46
C ALA B 108 3.57 9.11 -5.92
N ASN B 109 3.96 8.20 -6.82
CA ASN B 109 3.82 8.44 -8.25
C ASN B 109 2.36 8.46 -8.70
N LYS B 110 1.43 8.00 -7.85
CA LYS B 110 0.02 7.94 -8.20
C LYS B 110 -0.84 8.98 -7.50
N VAL B 111 -0.40 9.50 -6.35
CA VAL B 111 -1.21 10.38 -5.53
C VAL B 111 -0.68 11.80 -5.64
N ASP B 112 -1.59 12.75 -5.84
CA ASP B 112 -1.24 14.16 -5.76
C ASP B 112 -1.62 14.71 -4.40
N MET B 113 -2.87 15.15 -4.24
CA MET B 113 -3.32 15.71 -2.98
C MET B 113 -3.79 14.60 -2.04
N VAL B 114 -3.61 14.84 -0.75
CA VAL B 114 -4.13 13.99 0.31
C VAL B 114 -5.15 14.80 1.09
N TRP B 115 -6.37 14.29 1.20
CA TRP B 115 -7.48 14.99 1.83
C TRP B 115 -7.91 14.25 3.09
N ILE B 116 -7.91 14.97 4.22
CA ILE B 116 -8.51 14.49 5.45
C ILE B 116 -9.98 14.89 5.44
N VAL B 117 -10.87 13.92 5.58
CA VAL B 117 -12.30 14.20 5.49
C VAL B 117 -13.04 13.77 6.75
N GLY B 118 -12.34 13.73 7.88
CA GLY B 118 -12.97 13.45 9.16
C GLY B 118 -12.82 12.02 9.64
N GLY B 119 -13.27 11.73 10.86
CA GLY B 119 -14.02 12.66 11.70
C GLY B 119 -13.19 13.55 12.60
N SER B 120 -13.74 13.82 13.79
CA SER B 120 -13.17 14.86 14.65
C SER B 120 -11.76 14.50 15.12
N SER B 121 -11.54 13.24 15.49
CA SER B 121 -10.24 12.85 16.02
C SER B 121 -9.14 13.01 14.98
N VAL B 122 -9.39 12.57 13.75
CA VAL B 122 -8.37 12.68 12.71
C VAL B 122 -8.20 14.13 12.28
N TYR B 123 -9.27 14.91 12.27
CA TYR B 123 -9.13 16.35 12.06
C TYR B 123 -8.17 16.95 13.09
N LYS B 124 -8.34 16.57 14.36
CA LYS B 124 -7.51 17.14 15.42
C LYS B 124 -6.04 16.83 15.20
N GLU B 125 -5.71 15.56 14.95
CA GLU B 125 -4.31 15.18 14.76
C GLU B 125 -3.74 15.80 13.50
N ALA B 126 -4.54 15.87 12.43
CA ALA B 126 -4.06 16.47 11.19
C ALA B 126 -3.66 17.92 11.39
N MET B 127 -4.53 18.71 12.03
CA MET B 127 -4.27 20.14 12.19
C MET B 127 -3.02 20.41 13.02
N ASN B 128 -2.66 19.49 13.93
CA ASN B 128 -1.43 19.61 14.69
C ASN B 128 -0.23 19.02 13.96
N HIS B 129 -0.46 18.29 12.87
CA HIS B 129 0.64 17.74 12.11
C HIS B 129 1.59 18.85 11.67
N PRO B 130 2.90 18.65 11.73
CA PRO B 130 3.82 19.72 11.35
C PRO B 130 3.86 19.90 9.84
N GLY B 131 4.20 21.13 9.44
CA GLY B 131 4.43 21.43 8.04
C GLY B 131 3.29 22.16 7.37
N HIS B 132 3.30 22.09 6.04
CA HIS B 132 2.34 22.80 5.20
C HIS B 132 0.99 22.10 5.27
N LEU B 133 -0.05 22.87 5.61
CA LEU B 133 -1.40 22.31 5.73
C LEU B 133 -2.43 23.36 5.35
N LYS B 134 -3.51 22.90 4.70
CA LYS B 134 -4.60 23.75 4.27
C LYS B 134 -5.91 23.21 4.81
N LEU B 135 -6.75 24.09 5.34
CA LEU B 135 -8.07 23.73 5.85
C LEU B 135 -9.13 24.35 4.95
N PHE B 136 -9.87 23.51 4.25
CA PHE B 136 -10.98 23.95 3.41
C PHE B 136 -12.26 23.83 4.23
N VAL B 137 -12.68 24.94 4.83
CA VAL B 137 -13.73 24.95 5.83
C VAL B 137 -14.95 25.65 5.23
N THR B 138 -16.06 24.91 5.13
CA THR B 138 -17.35 25.50 4.79
C THR B 138 -18.03 25.95 6.08
N ARG B 139 -18.27 27.25 6.21
CA ARG B 139 -18.93 27.81 7.38
C ARG B 139 -20.44 27.75 7.19
N ILE B 140 -21.09 26.82 7.87
CA ILE B 140 -22.55 26.74 7.87
C ILE B 140 -23.05 27.82 8.84
N MET B 141 -23.65 28.88 8.30
CA MET B 141 -24.02 30.05 9.10
C MET B 141 -25.38 29.83 9.74
N GLN B 142 -25.41 28.86 10.66
CA GLN B 142 -26.61 28.52 11.42
C GLN B 142 -26.22 27.50 12.47
N ASP B 143 -27.06 27.37 13.49
CA ASP B 143 -26.82 26.48 14.62
C ASP B 143 -27.67 25.21 14.45
N PHE B 144 -27.02 24.05 14.59
CA PHE B 144 -27.68 22.77 14.38
C PHE B 144 -27.34 21.81 15.52
N GLU B 145 -28.31 20.95 15.85
CA GLU B 145 -28.05 19.86 16.79
C GLU B 145 -26.92 18.98 16.27
N SER B 146 -25.98 18.65 17.14
CA SER B 146 -24.82 17.86 16.74
C SER B 146 -24.31 17.05 17.92
N ASP B 147 -23.83 15.83 17.63
CA ASP B 147 -23.13 15.01 18.61
C ASP B 147 -21.67 14.83 18.27
N THR B 148 -21.20 15.40 17.16
CA THR B 148 -19.79 15.39 16.78
C THR B 148 -19.41 16.79 16.35
N PHE B 149 -18.20 17.21 16.69
CA PHE B 149 -17.79 18.60 16.50
C PHE B 149 -16.40 18.67 15.87
N PHE B 150 -16.10 19.86 15.34
CA PHE B 150 -14.84 20.15 14.67
C PHE B 150 -13.91 20.89 15.62
N PRO B 151 -12.64 20.52 15.71
CA PRO B 151 -11.74 21.21 16.65
C PRO B 151 -11.65 22.70 16.38
N GLU B 152 -11.16 23.43 17.38
CA GLU B 152 -10.91 24.85 17.23
C GLU B 152 -9.70 25.08 16.31
N ILE B 153 -9.78 26.13 15.51
CA ILE B 153 -8.68 26.50 14.62
C ILE B 153 -7.78 27.48 15.36
N ASP B 154 -6.49 27.15 15.47
CA ASP B 154 -5.51 28.02 16.10
C ASP B 154 -5.16 29.14 15.13
N LEU B 155 -5.84 30.29 15.30
CA LEU B 155 -5.59 31.42 14.41
C LEU B 155 -4.23 32.07 14.63
N GLU B 156 -3.46 31.63 15.63
CA GLU B 156 -2.07 32.05 15.74
C GLU B 156 -1.15 31.23 14.84
N LYS B 157 -1.65 30.15 14.26
CA LYS B 157 -0.91 29.33 13.31
C LYS B 157 -1.54 29.31 11.92
N TYR B 158 -2.86 29.32 11.84
CA TYR B 158 -3.58 29.29 10.57
C TYR B 158 -4.06 30.69 10.21
N LYS B 159 -3.80 31.11 8.99
CA LYS B 159 -4.33 32.36 8.46
C LYS B 159 -5.52 32.07 7.55
N LEU B 160 -6.55 32.91 7.62
CA LEU B 160 -7.64 32.86 6.66
C LEU B 160 -7.19 33.57 5.38
N LEU B 161 -7.18 32.84 4.28
CA LEU B 161 -6.79 33.45 3.01
C LEU B 161 -7.96 34.25 2.43
N PRO B 162 -7.70 35.41 1.83
CA PRO B 162 -8.83 36.19 1.27
C PRO B 162 -9.43 35.56 0.02
N GLU B 163 -8.63 34.90 -0.81
CA GLU B 163 -9.12 34.26 -2.01
C GLU B 163 -8.41 32.91 -2.18
N TYR B 164 -8.94 32.09 -3.08
CA TYR B 164 -8.29 30.84 -3.43
C TYR B 164 -8.83 30.37 -4.77
N PRO B 165 -7.98 29.92 -5.69
CA PRO B 165 -8.46 29.52 -7.02
C PRO B 165 -9.59 28.50 -6.93
N GLY B 166 -10.60 28.70 -7.79
CA GLY B 166 -11.72 27.78 -7.85
C GLY B 166 -12.57 27.72 -6.61
N VAL B 167 -12.66 28.83 -5.86
CA VAL B 167 -13.42 28.88 -4.61
C VAL B 167 -14.27 30.14 -4.63
N LEU B 168 -15.58 29.98 -4.77
CA LEU B 168 -16.49 31.11 -4.61
C LEU B 168 -16.31 31.73 -3.24
N SER B 169 -16.05 33.04 -3.21
CA SER B 169 -15.87 33.76 -1.96
C SER B 169 -17.13 34.47 -1.47
N ASP B 170 -18.09 34.72 -2.37
CA ASP B 170 -19.34 35.35 -1.95
C ASP B 170 -20.20 34.36 -1.17
N VAL B 171 -21.11 34.91 -0.37
CA VAL B 171 -21.98 34.08 0.44
C VAL B 171 -22.83 33.20 -0.47
N GLN B 172 -23.20 32.02 0.03
CA GLN B 172 -24.05 31.07 -0.67
C GLN B 172 -25.24 30.72 0.22
N GLU B 173 -26.27 30.14 -0.39
CA GLU B 173 -27.48 29.82 0.35
C GLU B 173 -28.20 28.64 -0.30
N GLU B 174 -28.67 27.72 0.53
CA GLU B 174 -29.49 26.59 0.09
C GLU B 174 -30.43 26.21 1.22
N LYS B 175 -31.71 26.04 0.91
CA LYS B 175 -32.71 25.66 1.90
C LYS B 175 -32.73 26.65 3.06
N GLY B 176 -32.57 27.93 2.73
CA GLY B 176 -32.53 28.95 3.77
C GLY B 176 -31.37 28.79 4.73
N ILE B 177 -30.28 28.19 4.27
CA ILE B 177 -29.08 28.00 5.07
C ILE B 177 -27.94 28.73 4.36
N LYS B 178 -27.47 29.82 4.96
CA LYS B 178 -26.36 30.56 4.40
C LYS B 178 -25.05 29.87 4.76
N TYR B 179 -24.17 29.71 3.77
CA TYR B 179 -22.84 29.16 4.01
C TYR B 179 -21.83 29.88 3.12
N LYS B 180 -20.56 29.80 3.53
CA LYS B 180 -19.47 30.41 2.81
C LYS B 180 -18.28 29.46 2.80
N PHE B 181 -17.56 29.42 1.68
CA PHE B 181 -16.36 28.62 1.55
C PHE B 181 -15.15 29.40 2.07
N GLU B 182 -14.39 28.77 2.97
CA GLU B 182 -13.20 29.38 3.53
C GLU B 182 -12.02 28.44 3.38
N VAL B 183 -10.83 29.03 3.32
CA VAL B 183 -9.58 28.27 3.19
C VAL B 183 -8.56 28.85 4.15
N TYR B 184 -8.11 28.05 5.11
CA TYR B 184 -7.04 28.41 6.02
C TYR B 184 -5.75 27.73 5.58
N GLU B 185 -4.62 28.34 5.95
CA GLU B 185 -3.32 27.81 5.57
C GLU B 185 -2.31 28.09 6.66
N LYS B 186 -1.35 27.17 6.80
CA LYS B 186 -0.17 27.38 7.62
C LYS B 186 1.02 26.76 6.90
N ASN B 187 2.22 27.14 7.31
CA ASN B 187 3.44 26.62 6.72
C ASN B 187 4.41 26.14 7.79
N GLY C 4 15.65 6.06 -27.78
CA GLY C 4 14.66 6.43 -26.78
C GLY C 4 13.61 5.34 -26.58
N SER C 5 12.49 5.46 -27.29
CA SER C 5 11.47 4.43 -27.26
C SER C 5 10.51 4.66 -28.43
N LEU C 6 9.83 3.58 -28.81
CA LEU C 6 8.91 3.57 -29.94
C LEU C 6 7.53 3.14 -29.45
N ASN C 7 6.50 3.93 -29.75
CA ASN C 7 5.17 3.69 -29.20
C ASN C 7 4.10 3.98 -30.24
N CYS C 8 2.93 3.37 -30.01
CA CYS C 8 1.71 3.69 -30.74
C CYS C 8 0.66 4.15 -29.74
N ILE C 9 -0.12 5.16 -30.12
CA ILE C 9 -1.24 5.64 -29.32
C ILE C 9 -2.48 5.64 -30.20
N VAL C 10 -3.63 5.31 -29.61
CA VAL C 10 -4.86 5.13 -30.36
C VAL C 10 -6.03 5.12 -29.38
N ALA C 11 -7.22 5.41 -29.89
CA ALA C 11 -8.47 5.19 -29.18
C ALA C 11 -9.36 4.35 -30.08
N VAL C 12 -9.97 3.30 -29.51
CA VAL C 12 -10.67 2.29 -30.29
C VAL C 12 -11.99 1.95 -29.61
N SER C 13 -13.01 1.69 -30.42
CA SER C 13 -14.32 1.26 -29.94
C SER C 13 -14.35 -0.26 -29.79
N GLN C 14 -15.39 -0.76 -29.12
CA GLN C 14 -15.52 -2.19 -28.90
C GLN C 14 -15.43 -2.97 -30.20
N ASN C 15 -15.94 -2.40 -31.30
CA ASN C 15 -15.85 -3.04 -32.60
C ASN C 15 -14.56 -2.69 -33.34
N MET C 16 -13.55 -2.19 -32.62
CA MET C 16 -12.22 -1.94 -33.18
C MET C 16 -12.21 -0.80 -34.20
N GLY C 17 -13.08 0.18 -34.04
CA GLY C 17 -13.19 1.29 -34.98
C GLY C 17 -12.43 2.52 -34.47
N ILE C 18 -11.79 3.22 -35.39
CA ILE C 18 -11.03 4.43 -35.04
C ILE C 18 -11.48 5.64 -35.83
N GLY C 19 -12.21 5.49 -36.92
CA GLY C 19 -12.58 6.64 -37.73
C GLY C 19 -13.86 6.44 -38.51
N LYS C 20 -14.53 7.55 -38.81
CA LYS C 20 -15.68 7.57 -39.70
C LYS C 20 -15.72 8.94 -40.36
N ASN C 21 -15.85 8.96 -41.68
CA ASN C 21 -15.95 10.19 -42.45
C ASN C 21 -14.83 11.16 -42.07
N GLY C 22 -13.60 10.68 -42.23
CA GLY C 22 -12.42 11.50 -42.00
C GLY C 22 -12.34 12.12 -40.62
N ASP C 23 -13.06 11.56 -39.64
CA ASP C 23 -13.11 12.11 -38.29
C ASP C 23 -13.19 10.95 -37.31
N LEU C 24 -13.32 11.28 -36.03
CA LEU C 24 -13.47 10.24 -35.03
C LEU C 24 -14.90 9.70 -35.03
N PRO C 25 -15.10 8.43 -34.66
CA PRO C 25 -16.45 7.86 -34.67
C PRO C 25 -17.31 8.26 -33.48
N TRP C 26 -16.76 8.98 -32.50
CA TRP C 26 -17.47 9.36 -31.30
C TRP C 26 -17.39 10.86 -31.09
N PRO C 27 -18.28 11.43 -30.29
CA PRO C 27 -18.23 12.88 -30.03
C PRO C 27 -16.95 13.27 -29.31
N PRO C 28 -16.59 14.54 -29.31
CA PRO C 28 -15.32 14.96 -28.68
C PRO C 28 -15.30 14.61 -27.20
N LEU C 29 -14.20 13.99 -26.78
CA LEU C 29 -13.96 13.67 -25.37
C LEU C 29 -12.79 14.54 -24.91
N ARG C 30 -13.12 15.60 -24.17
CA ARG C 30 -12.11 16.59 -23.79
C ARG C 30 -10.88 15.95 -23.17
N ASN C 31 -11.08 15.19 -22.09
CA ASN C 31 -9.95 14.67 -21.34
C ASN C 31 -9.23 13.52 -22.06
N GLU C 32 -9.90 12.86 -23.01
CA GLU C 32 -9.19 11.88 -23.83
C GLU C 32 -8.24 12.57 -24.79
N PHE C 33 -8.65 13.73 -25.34
CA PHE C 33 -7.77 14.47 -26.22
C PHE C 33 -6.59 15.05 -25.46
N ARG C 34 -6.81 15.54 -24.24
N ARG C 34 -6.81 15.55 -24.24
CA ARG C 34 -5.69 16.01 -23.43
CA ARG C 34 -5.69 16.01 -23.43
C ARG C 34 -4.76 14.87 -23.05
C ARG C 34 -4.76 14.87 -23.08
N TYR C 35 -5.31 13.67 -22.85
CA TYR C 35 -4.45 12.52 -22.59
C TYR C 35 -3.53 12.25 -23.77
N PHE C 36 -4.09 12.19 -24.98
CA PHE C 36 -3.26 12.06 -26.18
C PHE C 36 -2.22 13.17 -26.23
N GLN C 37 -2.65 14.41 -25.97
CA GLN C 37 -1.73 15.54 -26.02
C GLN C 37 -0.60 15.39 -25.01
N ARG C 38 -0.94 15.07 -23.76
CA ARG C 38 0.06 14.96 -22.71
C ARG C 38 1.07 13.86 -23.02
N MET C 39 0.58 12.69 -23.42
CA MET C 39 1.47 11.54 -23.62
C MET C 39 2.40 11.77 -24.81
N THR C 40 1.86 12.27 -25.93
CA THR C 40 2.70 12.45 -27.12
C THR C 40 3.63 13.64 -26.96
N THR C 41 3.27 14.63 -26.15
CA THR C 41 4.10 15.82 -25.99
C THR C 41 5.19 15.61 -24.94
N THR C 42 4.85 14.97 -23.82
CA THR C 42 5.73 14.95 -22.65
C THR C 42 6.98 14.13 -22.95
N SER C 43 8.13 14.79 -22.96
CA SER C 43 9.41 14.10 -23.12
C SER C 43 9.92 13.65 -21.75
N SER C 44 10.47 12.43 -21.72
CA SER C 44 11.01 11.88 -20.48
C SER C 44 12.39 12.43 -20.15
N VAL C 45 13.10 12.99 -21.13
CA VAL C 45 14.47 13.47 -20.95
C VAL C 45 14.52 14.92 -21.39
N GLU C 46 14.90 15.80 -20.47
CA GLU C 46 14.98 17.23 -20.77
C GLU C 46 15.93 17.47 -21.95
N GLY C 47 15.65 18.53 -22.71
CA GLY C 47 16.44 18.89 -23.85
C GLY C 47 15.95 18.34 -25.18
N LYS C 48 15.18 17.26 -25.18
CA LYS C 48 14.70 16.63 -26.39
C LYS C 48 13.20 16.82 -26.54
N GLN C 49 12.73 16.60 -27.77
CA GLN C 49 11.31 16.62 -28.10
C GLN C 49 10.85 15.21 -28.46
N ASN C 50 9.55 15.07 -28.67
CA ASN C 50 8.97 13.85 -29.18
C ASN C 50 8.61 14.01 -30.65
N LEU C 51 8.56 12.88 -31.35
CA LEU C 51 8.23 12.84 -32.77
C LEU C 51 6.92 12.08 -32.95
N VAL C 52 6.02 12.65 -33.74
CA VAL C 52 4.76 12.00 -34.09
C VAL C 52 4.79 11.69 -35.59
N ILE C 53 4.49 10.44 -35.93
CA ILE C 53 4.47 9.97 -37.31
C ILE C 53 3.03 9.60 -37.64
N MET C 54 2.56 10.02 -38.81
CA MET C 54 1.17 9.81 -39.17
C MET C 54 1.04 9.78 -40.69
N GLY C 55 -0.02 9.12 -41.16
CA GLY C 55 -0.37 9.16 -42.57
C GLY C 55 -1.00 10.48 -42.96
N LYS C 56 -1.09 10.70 -44.28
CA LYS C 56 -1.59 11.97 -44.78
C LYS C 56 -3.03 12.21 -44.34
N LYS C 57 -3.85 11.17 -44.31
CA LYS C 57 -5.25 11.35 -43.92
C LYS C 57 -5.37 11.73 -42.46
N THR C 58 -4.63 11.05 -41.58
CA THR C 58 -4.65 11.42 -40.16
C THR C 58 -4.22 12.87 -39.99
N TRP C 59 -3.21 13.31 -40.75
CA TRP C 59 -2.77 14.69 -40.68
C TRP C 59 -3.92 15.65 -40.98
N PHE C 60 -4.66 15.40 -42.07
CA PHE C 60 -5.76 16.28 -42.44
C PHE C 60 -7.01 16.05 -41.60
N SER C 61 -7.02 15.04 -40.74
CA SER C 61 -8.09 14.89 -39.76
C SER C 61 -7.87 15.75 -38.53
N ILE C 62 -6.69 16.33 -38.37
CA ILE C 62 -6.42 17.27 -37.28
C ILE C 62 -6.91 18.65 -37.71
N PRO C 63 -7.73 19.33 -36.91
CA PRO C 63 -8.19 20.68 -37.31
C PRO C 63 -7.00 21.60 -37.56
N GLU C 64 -7.11 22.40 -38.62
CA GLU C 64 -6.02 23.28 -39.01
C GLU C 64 -5.57 24.16 -37.85
N LYS C 65 -6.47 24.47 -36.92
CA LYS C 65 -6.08 25.29 -35.77
C LYS C 65 -5.05 24.56 -34.92
N ASN C 66 -5.18 23.24 -34.77
CA ASN C 66 -4.26 22.43 -33.99
C ASN C 66 -3.12 21.86 -34.82
N ARG C 67 -2.87 22.41 -36.01
CA ARG C 67 -1.82 21.91 -36.89
C ARG C 67 -0.73 22.96 -37.06
N PRO C 68 0.56 22.61 -36.86
CA PRO C 68 1.03 21.29 -36.42
C PRO C 68 0.79 21.05 -34.93
N LEU C 69 0.77 19.79 -34.51
CA LEU C 69 0.64 19.47 -33.09
C LEU C 69 1.74 20.17 -32.30
N LYS C 70 1.35 21.17 -31.51
CA LYS C 70 2.33 22.03 -30.84
C LYS C 70 3.25 21.22 -29.94
N GLY C 71 4.48 21.71 -29.79
CA GLY C 71 5.43 21.09 -28.90
C GLY C 71 5.98 19.76 -29.36
N ARG C 72 5.66 19.36 -30.59
CA ARG C 72 6.05 18.06 -31.11
C ARG C 72 6.60 18.21 -32.52
N ILE C 73 7.49 17.28 -32.89
CA ILE C 73 7.99 17.22 -34.26
C ILE C 73 6.99 16.40 -35.07
N ASN C 74 6.47 17.00 -36.14
CA ASN C 74 5.39 16.41 -36.92
C ASN C 74 5.93 15.85 -38.23
N LEU C 75 5.77 14.53 -38.42
CA LEU C 75 6.20 13.86 -39.63
C LEU C 75 4.99 13.21 -40.28
N VAL C 76 4.86 13.40 -41.60
CA VAL C 76 3.74 12.88 -42.37
C VAL C 76 4.26 11.87 -43.38
N LEU C 77 3.60 10.73 -43.48
CA LEU C 77 3.90 9.73 -44.51
C LEU C 77 3.06 9.99 -45.74
N SER C 78 3.69 9.92 -46.91
CA SER C 78 2.97 10.10 -48.16
C SER C 78 3.84 9.63 -49.32
N ARG C 79 3.17 9.15 -50.37
CA ARG C 79 3.82 8.85 -51.64
C ARG C 79 3.50 9.87 -52.72
N GLU C 80 2.36 10.56 -52.62
CA GLU C 80 2.02 11.60 -53.59
C GLU C 80 2.86 12.86 -53.37
N LEU C 81 2.76 13.43 -52.19
CA LEU C 81 3.25 14.78 -51.94
C LEU C 81 4.73 14.91 -52.29
N LYS C 82 5.09 16.09 -52.79
CA LYS C 82 6.48 16.40 -53.13
C LYS C 82 7.23 17.07 -51.99
N GLU C 83 6.52 17.79 -51.12
CA GLU C 83 7.09 18.36 -49.91
C GLU C 83 6.10 18.15 -48.77
N PRO C 84 6.47 18.45 -47.53
CA PRO C 84 5.52 18.26 -46.44
C PRO C 84 4.31 19.17 -46.61
N PRO C 85 3.14 18.71 -46.19
CA PRO C 85 1.98 19.61 -46.18
C PRO C 85 2.24 20.80 -45.28
N GLN C 86 1.66 21.95 -45.63
N GLN C 86 1.66 21.95 -45.63
CA GLN C 86 1.92 23.18 -44.90
CA GLN C 86 1.93 23.18 -44.90
C GLN C 86 1.64 23.00 -43.42
C GLN C 86 1.65 22.99 -43.42
N GLY C 87 2.67 23.26 -42.59
CA GLY C 87 2.61 23.07 -41.16
C GLY C 87 3.42 21.90 -40.67
N ALA C 88 3.61 20.88 -41.51
CA ALA C 88 4.36 19.70 -41.12
C ALA C 88 5.86 19.95 -41.25
N HIS C 89 6.63 19.21 -40.45
CA HIS C 89 8.07 19.43 -40.37
C HIS C 89 8.87 18.50 -41.27
N PHE C 90 8.39 17.28 -41.52
CA PHE C 90 9.12 16.32 -42.35
C PHE C 90 8.14 15.49 -43.16
N LEU C 91 8.64 14.98 -44.29
CA LEU C 91 7.91 14.06 -45.16
C LEU C 91 8.76 12.82 -45.37
N SER C 92 8.12 11.66 -45.37
CA SER C 92 8.82 10.39 -45.57
C SER C 92 7.97 9.47 -46.44
N ARG C 93 8.65 8.64 -47.23
CA ARG C 93 7.99 7.74 -48.15
C ARG C 93 7.68 6.37 -47.55
N SER C 94 8.20 6.09 -46.36
CA SER C 94 7.95 4.81 -45.70
C SER C 94 8.17 5.01 -44.21
N LEU C 95 7.72 4.01 -43.43
CA LEU C 95 7.91 4.07 -41.99
C LEU C 95 9.38 3.92 -41.63
N ASP C 96 10.08 3.00 -42.30
CA ASP C 96 11.51 2.83 -42.03
C ASP C 96 12.29 4.08 -42.40
N ASP C 97 11.89 4.77 -43.48
CA ASP C 97 12.55 6.02 -43.83
C ASP C 97 12.40 7.06 -42.74
N ALA C 98 11.19 7.17 -42.17
CA ALA C 98 10.98 8.11 -41.07
C ALA C 98 11.81 7.72 -39.85
N LEU C 99 11.84 6.42 -39.53
CA LEU C 99 12.66 5.96 -38.41
C LEU C 99 14.14 6.22 -38.67
N LYS C 100 14.62 5.87 -39.86
CA LYS C 100 16.01 6.13 -40.20
C LYS C 100 16.36 7.60 -40.06
N LEU C 101 15.37 8.48 -40.20
CA LEU C 101 15.62 9.91 -40.09
C LEU C 101 16.14 10.29 -38.71
N THR C 102 15.81 9.51 -37.68
CA THR C 102 16.26 9.79 -36.33
C THR C 102 17.69 9.33 -36.08
N GLU C 103 18.26 8.51 -36.96
CA GLU C 103 19.66 8.14 -36.91
C GLU C 103 20.51 8.93 -37.89
N GLN C 104 19.92 9.90 -38.58
CA GLN C 104 20.64 10.85 -39.42
C GLN C 104 20.89 12.14 -38.67
N PRO C 105 21.82 12.96 -39.13
CA PRO C 105 22.05 14.26 -38.46
C PRO C 105 20.84 15.17 -38.47
N GLU C 106 19.81 14.88 -39.27
CA GLU C 106 18.62 15.72 -39.31
C GLU C 106 17.87 15.67 -37.99
N LEU C 107 17.80 14.49 -37.36
CA LEU C 107 17.08 14.34 -36.09
C LEU C 107 17.84 13.52 -35.06
N ALA C 108 19.11 13.23 -35.28
CA ALA C 108 19.88 12.46 -34.31
C ALA C 108 20.00 13.24 -33.00
N ASN C 109 19.70 12.57 -31.89
CA ASN C 109 19.81 13.10 -30.53
C ASN C 109 18.78 14.18 -30.22
N LYS C 110 17.85 14.47 -31.14
CA LYS C 110 16.82 15.48 -30.90
C LYS C 110 15.48 14.87 -30.49
N VAL C 111 15.34 13.55 -30.56
CA VAL C 111 14.07 12.87 -30.36
C VAL C 111 14.18 11.99 -29.12
N ASP C 112 13.22 12.11 -28.20
CA ASP C 112 13.11 11.19 -27.09
C ASP C 112 12.20 10.03 -27.48
N MET C 113 10.90 10.28 -27.52
CA MET C 113 9.90 9.27 -27.86
C MET C 113 9.43 9.45 -29.30
N VAL C 114 9.20 8.33 -29.97
CA VAL C 114 8.55 8.31 -31.28
C VAL C 114 7.14 7.77 -31.07
N TRP C 115 6.15 8.54 -31.52
CA TRP C 115 4.75 8.19 -31.35
C TRP C 115 4.11 7.96 -32.72
N ILE C 116 3.68 6.73 -32.98
CA ILE C 116 2.85 6.43 -34.14
C ILE C 116 1.41 6.77 -33.79
N VAL C 117 0.79 7.67 -34.57
CA VAL C 117 -0.53 8.17 -34.23
C VAL C 117 -1.56 7.87 -35.33
N GLY C 118 -1.31 6.86 -36.16
CA GLY C 118 -2.30 6.42 -37.13
C GLY C 118 -1.96 6.76 -38.56
N GLY C 119 -2.71 6.24 -39.53
CA GLY C 119 -3.90 5.41 -39.28
C GLY C 119 -3.68 3.91 -39.30
N SER C 120 -4.64 3.20 -39.91
CA SER C 120 -4.68 1.75 -39.82
C SER C 120 -3.41 1.11 -40.37
N SER C 121 -3.09 1.38 -41.63
CA SER C 121 -1.99 0.68 -42.28
C SER C 121 -0.68 0.91 -41.54
N VAL C 122 -0.41 2.16 -41.15
CA VAL C 122 0.84 2.45 -40.46
C VAL C 122 0.84 1.84 -39.06
N TYR C 123 -0.31 1.80 -38.39
CA TYR C 123 -0.41 1.04 -37.15
C TYR C 123 0.01 -0.41 -37.38
N LYS C 124 -0.56 -1.06 -38.39
CA LYS C 124 -0.27 -2.47 -38.64
C LYS C 124 1.22 -2.70 -38.82
N GLU C 125 1.85 -1.92 -39.71
CA GLU C 125 3.29 -2.06 -39.92
C GLU C 125 4.06 -1.79 -38.64
N ALA C 126 3.65 -0.77 -37.88
CA ALA C 126 4.38 -0.40 -36.68
C ALA C 126 4.28 -1.48 -35.61
N MET C 127 3.08 -2.06 -35.42
CA MET C 127 2.89 -3.06 -34.38
C MET C 127 3.74 -4.30 -34.61
N ASN C 128 4.26 -4.51 -35.82
CA ASN C 128 5.10 -5.67 -36.12
C ASN C 128 6.56 -5.28 -36.35
N HIS C 129 6.93 -4.04 -36.08
CA HIS C 129 8.34 -3.68 -36.08
C HIS C 129 9.05 -4.47 -34.99
N PRO C 130 10.22 -5.04 -35.28
CA PRO C 130 10.92 -5.80 -34.22
C PRO C 130 11.44 -4.87 -33.13
N GLY C 131 11.44 -5.39 -31.91
CA GLY C 131 12.07 -4.73 -30.79
C GLY C 131 11.07 -4.33 -29.73
N HIS C 132 11.51 -3.39 -28.88
CA HIS C 132 10.75 -2.94 -27.73
C HIS C 132 9.72 -1.91 -28.19
N LEU C 133 8.44 -2.27 -28.10
CA LEU C 133 7.35 -1.43 -28.59
C LEU C 133 6.21 -1.45 -27.59
N LYS C 134 5.60 -0.28 -27.35
CA LYS C 134 4.48 -0.15 -26.44
C LYS C 134 3.28 0.43 -27.17
N LEU C 135 2.09 -0.04 -26.80
CA LEU C 135 0.83 0.38 -27.42
C LEU C 135 -0.03 1.04 -26.36
N PHE C 136 -0.26 2.35 -26.50
CA PHE C 136 -1.12 3.10 -25.58
C PHE C 136 -2.52 3.11 -26.19
N VAL C 137 -3.36 2.19 -25.73
CA VAL C 137 -4.69 1.96 -26.31
C VAL C 137 -5.74 2.49 -25.35
N THR C 138 -6.55 3.44 -25.81
CA THR C 138 -7.71 3.91 -25.08
C THR C 138 -8.91 3.08 -25.52
N ARG C 139 -9.40 2.23 -24.62
CA ARG C 139 -10.51 1.33 -24.93
C ARG C 139 -11.82 2.07 -24.67
N ILE C 140 -12.56 2.36 -25.73
CA ILE C 140 -13.89 2.94 -25.62
C ILE C 140 -14.88 1.78 -25.63
N MET C 141 -15.58 1.59 -24.51
CA MET C 141 -16.29 0.36 -24.21
C MET C 141 -17.71 0.41 -24.78
N GLN C 142 -17.78 0.59 -26.10
CA GLN C 142 -19.03 0.80 -26.79
C GLN C 142 -18.79 0.72 -28.29
N ASP C 143 -19.81 0.26 -29.02
CA ASP C 143 -19.71 0.15 -30.46
C ASP C 143 -20.06 1.48 -31.13
N PHE C 144 -19.32 1.81 -32.19
CA PHE C 144 -19.57 3.01 -32.97
C PHE C 144 -19.44 2.68 -34.45
N GLU C 145 -20.39 3.16 -35.25
CA GLU C 145 -20.28 3.02 -36.69
C GLU C 145 -18.97 3.63 -37.17
N SER C 146 -18.14 2.81 -37.81
CA SER C 146 -16.82 3.23 -38.23
C SER C 146 -16.54 2.72 -39.64
N ASP C 147 -15.57 3.36 -40.29
CA ASP C 147 -15.07 2.91 -41.59
C ASP C 147 -13.56 2.65 -41.58
N THR C 148 -12.86 3.00 -40.51
CA THR C 148 -11.43 2.73 -40.35
C THR C 148 -11.24 2.02 -39.02
N PHE C 149 -10.41 0.98 -39.02
CA PHE C 149 -10.32 0.09 -37.88
C PHE C 149 -8.87 -0.15 -37.46
N PHE C 150 -8.70 -0.40 -36.17
CA PHE C 150 -7.40 -0.73 -35.61
C PHE C 150 -7.11 -2.21 -35.80
N PRO C 151 -5.94 -2.59 -36.32
CA PRO C 151 -5.63 -4.02 -36.43
C PRO C 151 -5.57 -4.69 -35.06
N GLU C 152 -6.06 -5.92 -35.01
CA GLU C 152 -6.08 -6.66 -33.75
C GLU C 152 -4.67 -6.79 -33.18
N ILE C 153 -4.58 -6.71 -31.86
CA ILE C 153 -3.29 -6.80 -31.17
C ILE C 153 -2.93 -8.27 -30.99
N ASP C 154 -1.71 -8.63 -31.39
CA ASP C 154 -1.20 -9.99 -31.20
C ASP C 154 -0.77 -10.15 -29.76
N LEU C 155 -1.58 -10.87 -28.97
CA LEU C 155 -1.27 -11.06 -27.56
C LEU C 155 -0.26 -12.16 -27.30
N GLU C 156 0.17 -12.88 -28.34
CA GLU C 156 1.32 -13.77 -28.20
C GLU C 156 2.61 -12.97 -28.05
N LYS C 157 2.68 -11.80 -28.70
CA LYS C 157 3.82 -10.90 -28.60
C LYS C 157 3.59 -9.79 -27.58
N TYR C 158 2.40 -9.19 -27.55
CA TYR C 158 2.12 -8.08 -26.67
C TYR C 158 1.50 -8.55 -25.35
N LYS C 159 1.62 -7.70 -24.34
CA LYS C 159 1.22 -8.02 -22.98
C LYS C 159 0.63 -6.77 -22.33
N LEU C 160 -0.55 -6.90 -21.74
CA LEU C 160 -1.17 -5.78 -21.03
C LEU C 160 -0.50 -5.59 -19.69
N LEU C 161 -0.24 -4.31 -19.36
CA LEU C 161 0.42 -3.99 -18.10
C LEU C 161 -0.61 -3.58 -17.05
N PRO C 162 -0.39 -3.93 -15.79
CA PRO C 162 -1.39 -3.59 -14.76
C PRO C 162 -1.45 -2.12 -14.44
N GLU C 163 -0.38 -1.37 -14.68
CA GLU C 163 -0.36 0.06 -14.42
C GLU C 163 0.76 0.67 -15.26
N TYR C 164 0.79 2.00 -15.29
CA TYR C 164 1.87 2.70 -15.98
C TYR C 164 1.99 4.10 -15.39
N PRO C 165 3.20 4.61 -15.18
CA PRO C 165 3.34 5.95 -14.58
C PRO C 165 2.67 7.01 -15.44
N GLY C 166 1.94 7.91 -14.78
CA GLY C 166 1.25 8.98 -15.47
C GLY C 166 -0.03 8.57 -16.16
N VAL C 167 -0.45 7.31 -16.03
CA VAL C 167 -1.65 6.82 -16.69
C VAL C 167 -2.61 6.32 -15.62
N LEU C 168 -3.82 6.85 -15.63
CA LEU C 168 -4.86 6.38 -14.72
C LEU C 168 -5.42 5.05 -15.21
N SER C 169 -5.65 4.14 -14.28
CA SER C 169 -6.15 2.81 -14.60
C SER C 169 -7.61 2.61 -14.22
N ASP C 170 -8.25 3.61 -13.62
CA ASP C 170 -9.66 3.52 -13.30
C ASP C 170 -10.51 3.85 -14.52
N VAL C 171 -11.68 3.23 -14.59
CA VAL C 171 -12.59 3.47 -15.70
C VAL C 171 -12.98 4.94 -15.71
N GLN C 172 -12.85 5.58 -16.86
CA GLN C 172 -13.20 6.98 -17.05
C GLN C 172 -14.56 7.07 -17.74
N GLU C 173 -15.12 8.28 -17.74
CA GLU C 173 -16.41 8.50 -18.39
C GLU C 173 -16.55 9.98 -18.73
N GLU C 174 -16.94 10.25 -19.98
CA GLU C 174 -17.17 11.62 -20.44
C GLU C 174 -18.32 11.60 -21.44
N LYS C 175 -19.23 12.58 -21.31
CA LYS C 175 -20.38 12.70 -22.20
C LYS C 175 -21.17 11.40 -22.27
N GLY C 176 -21.11 10.59 -21.20
CA GLY C 176 -21.82 9.34 -21.14
C GLY C 176 -21.10 8.14 -21.73
N ILE C 177 -19.89 8.33 -22.27
CA ILE C 177 -19.12 7.25 -22.87
C ILE C 177 -18.06 6.80 -21.87
N LYS C 178 -17.95 5.49 -21.67
CA LYS C 178 -16.97 4.90 -20.77
C LYS C 178 -15.74 4.46 -21.55
N TYR C 179 -14.56 4.69 -20.97
CA TYR C 179 -13.32 4.26 -21.59
C TYR C 179 -12.25 4.05 -20.53
N LYS C 180 -11.25 3.25 -20.87
CA LYS C 180 -10.15 2.93 -19.98
C LYS C 180 -8.82 3.05 -20.73
N PHE C 181 -7.79 3.48 -20.00
CA PHE C 181 -6.45 3.61 -20.58
C PHE C 181 -5.69 2.31 -20.38
N GLU C 182 -5.23 1.71 -21.47
CA GLU C 182 -4.45 0.48 -21.44
C GLU C 182 -3.09 0.72 -22.11
N VAL C 183 -2.11 -0.06 -21.67
CA VAL C 183 -0.75 0.03 -22.20
C VAL C 183 -0.23 -1.39 -22.41
N TYR C 184 0.10 -1.72 -23.65
CA TYR C 184 0.70 -3.00 -24.00
C TYR C 184 2.20 -2.82 -24.24
N GLU C 185 2.91 -3.94 -24.27
CA GLU C 185 4.36 -3.89 -24.42
C GLU C 185 4.86 -5.24 -24.92
N LYS C 186 5.90 -5.22 -25.76
CA LYS C 186 6.50 -6.45 -26.27
C LYS C 186 8.00 -6.25 -26.46
N ASN C 187 8.71 -7.37 -26.64
CA ASN C 187 10.14 -7.38 -26.92
C ASN C 187 10.41 -8.51 -27.92
N ASP C 188 10.25 -8.20 -29.20
CA ASP C 188 10.47 -9.19 -30.25
C ASP C 188 11.86 -9.02 -30.85
N GLY D 4 10.24 -21.29 32.24
CA GLY D 4 9.06 -20.45 32.41
C GLY D 4 8.48 -19.99 31.08
N SER D 5 7.27 -19.46 31.12
CA SER D 5 6.56 -19.00 29.94
C SER D 5 6.40 -17.48 29.99
N LEU D 6 6.19 -16.90 28.81
CA LEU D 6 6.03 -15.46 28.67
C LEU D 6 4.64 -15.17 28.14
N ASN D 7 3.85 -14.38 28.88
CA ASN D 7 2.45 -14.16 28.57
C ASN D 7 2.10 -12.70 28.72
N CYS D 8 1.14 -12.26 27.92
CA CYS D 8 0.49 -10.96 28.09
C CYS D 8 -0.95 -11.19 28.52
N ILE D 9 -1.48 -10.28 29.34
CA ILE D 9 -2.87 -10.32 29.75
C ILE D 9 -3.41 -8.90 29.72
N VAL D 10 -4.60 -8.72 29.12
CA VAL D 10 -5.16 -7.40 28.90
C VAL D 10 -6.67 -7.55 28.78
N ALA D 11 -7.38 -6.46 29.08
CA ALA D 11 -8.79 -6.30 28.74
C ALA D 11 -8.90 -5.14 27.77
N VAL D 12 -9.56 -5.38 26.62
CA VAL D 12 -9.62 -4.40 25.54
C VAL D 12 -11.08 -4.19 25.15
N SER D 13 -11.46 -2.93 24.98
CA SER D 13 -12.76 -2.62 24.40
C SER D 13 -12.76 -3.01 22.92
N GLN D 14 -13.97 -2.99 22.33
CA GLN D 14 -14.09 -3.35 20.92
C GLN D 14 -13.22 -2.44 20.04
N ASN D 15 -13.00 -1.19 20.47
CA ASN D 15 -12.15 -0.27 19.75
C ASN D 15 -10.70 -0.29 20.24
N MET D 16 -10.29 -1.38 20.89
CA MET D 16 -8.90 -1.60 21.32
C MET D 16 -8.47 -0.64 22.42
N GLY D 17 -9.42 0.00 23.11
CA GLY D 17 -9.06 0.86 24.21
C GLY D 17 -8.83 0.06 25.49
N ILE D 18 -7.85 0.51 26.28
CA ILE D 18 -7.54 -0.14 27.55
C ILE D 18 -7.54 0.82 28.72
N GLY D 19 -7.45 2.13 28.52
CA GLY D 19 -7.37 3.06 29.63
C GLY D 19 -7.93 4.41 29.24
N LYS D 20 -8.43 5.13 30.24
CA LYS D 20 -8.95 6.48 30.05
C LYS D 20 -8.69 7.27 31.31
N ASN D 21 -7.99 8.40 31.17
CA ASN D 21 -7.68 9.28 32.29
C ASN D 21 -7.06 8.53 33.47
N GLY D 22 -6.28 7.49 33.16
CA GLY D 22 -5.51 6.79 34.16
C GLY D 22 -6.15 5.57 34.77
N ASP D 23 -7.32 5.16 34.30
CA ASP D 23 -7.97 3.95 34.80
C ASP D 23 -8.70 3.28 33.64
N LEU D 24 -9.30 2.14 33.92
CA LEU D 24 -10.01 1.40 32.88
C LEU D 24 -11.18 2.23 32.36
N PRO D 25 -11.51 2.11 31.07
CA PRO D 25 -12.61 2.92 30.52
C PRO D 25 -14.00 2.39 30.79
N TRP D 26 -14.13 1.28 31.51
CA TRP D 26 -15.41 0.67 31.81
C TRP D 26 -15.58 0.52 33.32
N PRO D 27 -16.80 0.34 33.80
CA PRO D 27 -17.02 0.17 35.23
C PRO D 27 -16.36 -1.11 35.73
N PRO D 28 -16.07 -1.19 37.03
CA PRO D 28 -15.46 -2.41 37.57
C PRO D 28 -16.19 -3.67 37.12
N LEU D 29 -15.42 -4.72 36.86
CA LEU D 29 -15.95 -6.04 36.49
C LEU D 29 -15.31 -7.06 37.43
N ARG D 30 -16.01 -7.40 38.51
CA ARG D 30 -15.44 -8.24 39.56
C ARG D 30 -14.94 -9.56 39.00
N ASN D 31 -15.80 -10.29 38.29
CA ASN D 31 -15.41 -11.59 37.76
C ASN D 31 -14.31 -11.47 36.71
N GLU D 32 -14.11 -10.28 36.13
CA GLU D 32 -13.01 -10.10 35.19
C GLU D 32 -11.70 -9.87 35.92
N PHE D 33 -11.72 -9.03 36.97
CA PHE D 33 -10.53 -8.91 37.81
C PHE D 33 -10.15 -10.24 38.42
N ARG D 34 -11.14 -11.00 38.91
CA ARG D 34 -10.85 -12.30 39.49
C ARG D 34 -10.13 -13.20 38.49
N TYR D 35 -10.60 -13.21 37.24
CA TYR D 35 -9.89 -13.91 36.19
C TYR D 35 -8.46 -13.44 36.08
N PHE D 36 -8.25 -12.13 35.93
CA PHE D 36 -6.90 -11.58 35.89
C PHE D 36 -6.08 -12.05 37.08
N GLN D 37 -6.63 -11.91 38.29
CA GLN D 37 -5.91 -12.30 39.48
C GLN D 37 -5.55 -13.79 39.45
N ARG D 38 -6.50 -14.63 39.06
CA ARG D 38 -6.25 -16.07 39.02
C ARG D 38 -5.12 -16.40 38.05
N MET D 39 -5.14 -15.81 36.85
CA MET D 39 -4.18 -16.19 35.82
C MET D 39 -2.77 -15.71 36.18
N THR D 40 -2.64 -14.45 36.62
CA THR D 40 -1.32 -13.92 36.92
C THR D 40 -0.72 -14.55 38.17
N THR D 41 -1.54 -14.92 39.14
CA THR D 41 -1.01 -15.44 40.41
C THR D 41 -0.70 -16.93 40.33
N THR D 42 -1.56 -17.72 39.69
CA THR D 42 -1.45 -19.17 39.75
C THR D 42 -0.19 -19.62 39.03
N SER D 43 0.77 -20.12 39.79
CA SER D 43 1.96 -20.76 39.23
C SER D 43 1.68 -22.23 38.95
N SER D 44 2.46 -22.79 38.02
CA SER D 44 2.40 -24.21 37.69
C SER D 44 3.64 -24.96 38.16
N VAL D 45 4.35 -24.42 39.14
CA VAL D 45 5.51 -25.08 39.72
C VAL D 45 5.48 -24.82 41.22
N GLU D 46 5.49 -25.89 42.02
CA GLU D 46 5.41 -25.74 43.46
C GLU D 46 6.63 -25.00 44.00
N GLY D 47 6.40 -24.14 44.98
CA GLY D 47 7.47 -23.38 45.59
C GLY D 47 7.91 -22.16 44.81
N LYS D 48 7.31 -21.88 43.66
CA LYS D 48 7.69 -20.77 42.83
C LYS D 48 6.56 -19.75 42.72
N GLN D 49 6.91 -18.55 42.29
CA GLN D 49 6.00 -17.44 42.18
C GLN D 49 5.96 -16.96 40.73
N ASN D 50 4.93 -16.18 40.42
CA ASN D 50 4.82 -15.54 39.11
C ASN D 50 5.32 -14.10 39.19
N LEU D 51 5.89 -13.63 38.09
CA LEU D 51 6.36 -12.26 37.97
C LEU D 51 5.43 -11.49 37.06
N VAL D 52 5.12 -10.24 37.43
CA VAL D 52 4.32 -9.35 36.62
C VAL D 52 5.16 -8.13 36.28
N ILE D 53 5.25 -7.81 34.99
CA ILE D 53 6.01 -6.66 34.50
C ILE D 53 5.02 -5.61 34.05
N MET D 54 5.23 -4.36 34.46
CA MET D 54 4.30 -3.30 34.15
C MET D 54 5.04 -1.96 34.09
N GLY D 55 4.45 -1.03 33.33
CA GLY D 55 4.96 0.32 33.28
C GLY D 55 4.52 1.14 34.49
N LYS D 56 5.14 2.31 34.62
CA LYS D 56 4.91 3.14 35.81
C LYS D 56 3.44 3.55 35.92
N LYS D 57 2.85 4.00 34.80
CA LYS D 57 1.47 4.48 34.87
C LYS D 57 0.51 3.37 35.24
N THR D 58 0.73 2.15 34.73
CA THR D 58 -0.11 1.03 35.11
C THR D 58 0.03 0.73 36.60
N TRP D 59 1.25 0.77 37.12
CA TRP D 59 1.46 0.52 38.54
C TRP D 59 0.61 1.46 39.40
N PHE D 60 0.54 2.74 39.02
CA PHE D 60 -0.21 3.71 39.80
C PHE D 60 -1.71 3.67 39.53
N SER D 61 -2.14 3.11 38.40
CA SER D 61 -3.56 2.92 38.16
C SER D 61 -4.15 1.86 39.08
N ILE D 62 -3.31 1.03 39.67
CA ILE D 62 -3.78 0.06 40.68
C ILE D 62 -4.04 0.81 41.98
N PRO D 63 -5.22 0.66 42.60
CA PRO D 63 -5.42 1.29 43.90
C PRO D 63 -4.39 0.81 44.91
N GLU D 64 -3.75 1.76 45.59
CA GLU D 64 -2.66 1.42 46.50
C GLU D 64 -3.07 0.41 47.55
N LYS D 65 -4.37 0.20 47.76
CA LYS D 65 -4.82 -0.84 48.67
C LYS D 65 -4.38 -2.23 48.23
N ASN D 66 -4.07 -2.40 46.94
CA ASN D 66 -3.67 -3.69 46.40
C ASN D 66 -2.21 -3.72 45.94
N ARG D 67 -1.43 -2.69 46.28
CA ARG D 67 -0.02 -2.67 45.88
C ARG D 67 0.85 -3.27 46.99
N PRO D 68 1.77 -4.20 46.67
CA PRO D 68 1.94 -4.84 45.36
C PRO D 68 0.89 -5.90 45.12
N LEU D 69 0.76 -6.35 43.88
CA LEU D 69 -0.18 -7.42 43.58
C LEU D 69 0.14 -8.65 44.41
N LYS D 70 -0.79 -9.03 45.28
CA LYS D 70 -0.53 -10.10 46.25
C LYS D 70 -0.13 -11.38 45.54
N GLY D 71 0.83 -12.10 46.14
CA GLY D 71 1.24 -13.39 45.66
C GLY D 71 2.08 -13.37 44.39
N ARG D 72 2.38 -12.20 43.85
CA ARG D 72 3.17 -12.08 42.64
C ARG D 72 4.33 -11.12 42.88
N ILE D 73 5.44 -11.38 42.20
CA ILE D 73 6.58 -10.47 42.23
C ILE D 73 6.27 -9.31 41.28
N ASN D 74 6.30 -8.09 41.82
CA ASN D 74 5.91 -6.90 41.09
C ASN D 74 7.16 -6.20 40.57
N LEU D 75 7.30 -6.10 39.25
CA LEU D 75 8.41 -5.43 38.62
C LEU D 75 7.87 -4.29 37.76
N VAL D 76 8.43 -3.10 37.94
CA VAL D 76 7.98 -1.88 37.27
C VAL D 76 9.06 -1.42 36.31
N LEU D 77 8.65 -0.99 35.11
CA LEU D 77 9.55 -0.46 34.11
C LEU D 77 9.58 1.06 34.19
N SER D 78 10.77 1.63 33.98
CA SER D 78 10.96 3.08 33.99
C SER D 78 12.37 3.45 33.53
N ARG D 79 12.47 4.41 32.60
CA ARG D 79 13.75 5.02 32.26
C ARG D 79 14.18 6.08 33.27
N GLU D 80 13.22 6.60 34.03
CA GLU D 80 13.37 7.84 34.79
C GLU D 80 13.60 7.61 36.27
N LEU D 81 13.16 6.47 36.81
CA LEU D 81 13.29 6.18 38.22
C LEU D 81 14.62 5.47 38.51
N LYS D 82 15.18 5.76 39.68
CA LYS D 82 16.39 5.10 40.16
C LYS D 82 16.10 4.01 41.19
N GLU D 83 14.98 4.10 41.90
CA GLU D 83 14.52 3.07 42.82
C GLU D 83 13.11 2.62 42.44
N PRO D 84 12.75 1.37 42.72
CA PRO D 84 11.36 0.97 42.52
C PRO D 84 10.43 1.79 43.39
N PRO D 85 9.23 2.09 42.91
CA PRO D 85 8.28 2.86 43.74
C PRO D 85 7.89 2.07 44.98
N GLN D 86 7.37 2.80 45.97
CA GLN D 86 7.05 2.23 47.27
C GLN D 86 6.14 1.02 47.11
N GLY D 87 6.64 -0.15 47.52
CA GLY D 87 5.87 -1.38 47.52
C GLY D 87 6.25 -2.35 46.43
N ALA D 88 6.92 -1.88 45.38
CA ALA D 88 7.35 -2.76 44.30
C ALA D 88 8.67 -3.43 44.66
N HIS D 89 8.90 -4.58 44.03
CA HIS D 89 10.06 -5.40 44.37
C HIS D 89 11.27 -5.11 43.50
N PHE D 90 11.07 -4.83 42.20
CA PHE D 90 12.19 -4.69 41.28
C PHE D 90 11.92 -3.58 40.27
N LEU D 91 13.01 -2.99 39.79
CA LEU D 91 12.97 -1.94 38.79
C LEU D 91 13.92 -2.30 37.67
N SER D 92 13.47 -2.15 36.42
CA SER D 92 14.28 -2.41 35.25
CA SER D 92 14.28 -2.41 35.25
C SER D 92 14.20 -1.22 34.31
N ARG D 93 15.32 -0.97 33.62
CA ARG D 93 15.37 0.16 32.69
C ARG D 93 14.73 -0.18 31.35
N SER D 94 14.62 -1.45 31.00
CA SER D 94 13.95 -1.87 29.78
C SER D 94 13.32 -3.23 29.98
N LEU D 95 12.42 -3.59 29.07
CA LEU D 95 11.81 -4.92 29.11
C LEU D 95 12.87 -6.01 29.03
N ASP D 96 13.81 -5.87 28.08
CA ASP D 96 14.84 -6.89 27.92
C ASP D 96 15.69 -7.03 29.17
N ASP D 97 15.95 -5.91 29.87
CA ASP D 97 16.65 -5.99 31.14
C ASP D 97 15.83 -6.76 32.17
N ALA D 98 14.52 -6.52 32.20
CA ALA D 98 13.66 -7.21 33.16
C ALA D 98 13.65 -8.72 32.92
N LEU D 99 13.74 -9.14 31.65
CA LEU D 99 13.76 -10.57 31.36
C LEU D 99 15.09 -11.19 31.73
N LYS D 100 16.20 -10.49 31.44
CA LYS D 100 17.51 -10.97 31.87
C LYS D 100 17.56 -11.14 33.39
N LEU D 101 16.85 -10.28 34.13
CA LEU D 101 16.87 -10.37 35.59
C LEU D 101 16.26 -11.68 36.07
N THR D 102 15.26 -12.20 35.35
CA THR D 102 14.67 -13.48 35.74
C THR D 102 15.65 -14.62 35.50
N GLU D 103 16.33 -14.61 34.35
CA GLU D 103 17.28 -15.67 34.04
C GLU D 103 18.46 -15.69 35.00
N GLN D 104 18.72 -14.60 35.71
CA GLN D 104 19.77 -14.61 36.71
C GLN D 104 19.38 -15.54 37.85
N GLU D 106 19.09 -15.40 40.89
CA GLU D 106 18.33 -14.83 41.99
C GLU D 106 16.83 -15.04 41.79
N LEU D 107 16.38 -14.90 40.54
CA LEU D 107 14.96 -15.05 40.20
C LEU D 107 14.66 -16.28 39.36
N ALA D 108 15.65 -16.84 38.65
CA ALA D 108 15.38 -17.96 37.76
C ALA D 108 14.72 -19.12 38.49
N ASN D 109 15.20 -19.41 39.70
CA ASN D 109 14.60 -20.45 40.53
C ASN D 109 13.66 -19.87 41.58
N LYS D 110 13.19 -18.64 41.37
CA LYS D 110 12.15 -18.04 42.18
C LYS D 110 10.90 -17.69 41.40
N VAL D 111 10.97 -17.66 40.06
CA VAL D 111 9.88 -17.24 39.20
C VAL D 111 9.50 -18.38 38.28
N ASP D 112 8.21 -18.50 37.99
CA ASP D 112 7.73 -19.45 36.99
C ASP D 112 7.27 -18.71 35.74
N MET D 113 6.04 -18.22 35.74
CA MET D 113 5.51 -17.48 34.60
C MET D 113 5.88 -16.00 34.70
N VAL D 114 6.09 -15.39 33.54
CA VAL D 114 6.25 -13.94 33.41
C VAL D 114 4.99 -13.40 32.74
N TRP D 115 4.37 -12.42 33.37
CA TRP D 115 3.14 -11.81 32.87
C TRP D 115 3.38 -10.34 32.56
N ILE D 116 3.18 -9.96 31.30
CA ILE D 116 3.12 -8.56 30.92
C ILE D 116 1.71 -8.05 31.18
N VAL D 117 1.60 -6.98 31.97
CA VAL D 117 0.29 -6.48 32.37
C VAL D 117 0.15 -5.00 32.02
N GLY D 118 0.84 -4.55 30.97
CA GLY D 118 0.64 -3.23 30.43
C GLY D 118 1.66 -2.18 30.86
N GLY D 119 1.61 -0.99 30.25
CA GLY D 119 0.61 -0.61 29.27
C GLY D 119 1.01 -0.82 27.82
N SER D 120 0.64 0.16 26.98
CA SER D 120 0.75 -0.01 25.53
C SER D 120 2.18 -0.34 25.10
N SER D 121 3.13 0.53 25.45
CA SER D 121 4.50 0.36 24.97
C SER D 121 5.06 -1.01 25.35
N VAL D 122 4.70 -1.50 26.53
CA VAL D 122 5.21 -2.80 26.97
C VAL D 122 4.51 -3.92 26.22
N TYR D 123 3.19 -3.78 25.99
CA TYR D 123 2.47 -4.73 25.17
C TYR D 123 3.09 -4.83 23.77
N LYS D 124 3.37 -3.68 23.16
CA LYS D 124 3.91 -3.68 21.81
C LYS D 124 5.28 -4.35 21.76
N GLU D 125 6.18 -3.93 22.65
CA GLU D 125 7.52 -4.52 22.68
C GLU D 125 7.46 -6.01 22.96
N ALA D 126 6.61 -6.43 23.89
CA ALA D 126 6.52 -7.84 24.25
C ALA D 126 6.01 -8.67 23.08
N MET D 127 4.90 -8.23 22.46
CA MET D 127 4.28 -9.02 21.39
C MET D 127 5.25 -9.31 20.25
N ASN D 128 6.37 -8.59 20.16
CA ASN D 128 7.36 -8.83 19.11
C ASN D 128 8.60 -9.54 19.64
N HIS D 129 8.56 -10.06 20.86
CA HIS D 129 9.69 -10.82 21.37
C HIS D 129 9.72 -12.20 20.73
N PRO D 130 10.90 -12.68 20.30
CA PRO D 130 10.95 -13.99 19.65
C PRO D 130 10.60 -15.11 20.61
N GLY D 131 10.28 -16.26 20.03
CA GLY D 131 10.01 -17.46 20.82
C GLY D 131 8.56 -17.62 21.21
N HIS D 132 8.34 -18.62 22.06
CA HIS D 132 7.01 -18.94 22.54
C HIS D 132 6.45 -17.77 23.33
N LEU D 133 5.14 -17.53 23.16
CA LEU D 133 4.52 -16.36 23.77
C LEU D 133 3.01 -16.46 23.57
N LYS D 134 2.26 -16.14 24.62
CA LYS D 134 0.81 -16.21 24.60
C LYS D 134 0.21 -14.88 25.02
N LEU D 135 -0.99 -14.60 24.49
CA LEU D 135 -1.71 -13.37 24.79
C LEU D 135 -3.09 -13.74 25.31
N PHE D 136 -3.34 -13.44 26.58
CA PHE D 136 -4.66 -13.67 27.19
C PHE D 136 -5.46 -12.38 27.07
N VAL D 137 -6.48 -12.40 26.22
CA VAL D 137 -7.21 -11.21 25.83
C VAL D 137 -8.66 -11.34 26.28
N THR D 138 -9.15 -10.33 26.99
CA THR D 138 -10.55 -10.22 27.35
C THR D 138 -11.20 -9.22 26.40
N ARG D 139 -12.13 -9.70 25.57
CA ARG D 139 -12.81 -8.85 24.60
C ARG D 139 -14.04 -8.24 25.25
N ILE D 140 -13.97 -6.97 25.62
CA ILE D 140 -15.16 -6.22 26.01
C ILE D 140 -15.93 -5.90 24.75
N MET D 141 -17.10 -6.52 24.57
CA MET D 141 -17.84 -6.42 23.32
C MET D 141 -18.70 -5.15 23.31
N GLN D 142 -18.00 -4.02 23.44
CA GLN D 142 -18.63 -2.71 23.55
C GLN D 142 -17.54 -1.66 23.35
N ASP D 143 -17.88 -0.58 22.64
CA ASP D 143 -16.96 0.53 22.50
C ASP D 143 -16.93 1.36 23.78
N PHE D 144 -15.76 1.90 24.10
CA PHE D 144 -15.60 2.76 25.26
C PHE D 144 -14.65 3.89 24.92
N GLU D 145 -15.02 5.11 25.28
CA GLU D 145 -14.13 6.25 25.12
C GLU D 145 -12.80 5.97 25.81
N SER D 146 -11.71 6.11 25.07
CA SER D 146 -10.39 5.71 25.55
C SER D 146 -9.33 6.67 25.05
N ASP D 147 -8.24 6.78 25.81
CA ASP D 147 -7.06 7.52 25.40
C ASP D 147 -5.82 6.65 25.27
N THR D 148 -5.84 5.43 25.78
CA THR D 148 -4.75 4.48 25.62
C THR D 148 -5.30 3.21 24.97
N PHE D 149 -4.53 2.65 24.04
CA PHE D 149 -5.02 1.57 23.19
C PHE D 149 -4.02 0.42 23.17
N PHE D 150 -4.56 -0.77 22.90
CA PHE D 150 -3.76 -1.99 22.79
C PHE D 150 -3.14 -2.06 21.39
N PRO D 151 -1.86 -2.44 21.28
CA PRO D 151 -1.24 -2.52 19.96
C PRO D 151 -1.90 -3.57 19.08
N GLU D 152 -1.61 -3.49 17.79
CA GLU D 152 -2.19 -4.41 16.82
C GLU D 152 -1.70 -5.83 17.08
N ILE D 153 -2.62 -6.78 17.12
CA ILE D 153 -2.27 -8.19 17.20
C ILE D 153 -1.82 -8.64 15.82
N ASP D 154 -0.59 -9.12 15.74
CA ASP D 154 -0.01 -9.54 14.46
C ASP D 154 -0.48 -10.96 14.17
N LEU D 155 -1.63 -11.08 13.50
CA LEU D 155 -2.18 -12.38 13.16
C LEU D 155 -1.32 -13.12 12.14
N GLU D 156 -0.37 -12.45 11.48
CA GLU D 156 0.58 -13.15 10.64
C GLU D 156 1.41 -14.14 11.47
N LYS D 157 1.72 -13.78 12.71
CA LYS D 157 2.45 -14.64 13.63
C LYS D 157 1.53 -15.37 14.60
N TYR D 158 0.54 -14.68 15.15
CA TYR D 158 -0.31 -15.25 16.19
C TYR D 158 -1.46 -16.05 15.60
N LYS D 159 -2.04 -16.89 16.44
CA LYS D 159 -3.19 -17.70 16.08
C LYS D 159 -4.09 -17.83 17.30
N LEU D 160 -5.40 -17.65 17.10
CA LEU D 160 -6.35 -17.80 18.18
C LEU D 160 -6.53 -19.28 18.51
N LEU D 161 -6.60 -19.58 19.83
CA LEU D 161 -6.76 -20.95 20.27
C LEU D 161 -8.26 -21.27 20.45
N PRO D 162 -8.70 -22.47 20.06
CA PRO D 162 -10.13 -22.80 20.28
C PRO D 162 -10.50 -22.89 21.74
N GLU D 163 -9.60 -23.38 22.59
CA GLU D 163 -9.83 -23.47 24.02
C GLU D 163 -8.47 -23.43 24.71
N TYR D 164 -8.51 -23.34 26.04
CA TYR D 164 -7.28 -23.33 26.81
C TYR D 164 -7.57 -23.88 28.20
N PRO D 165 -6.66 -24.66 28.78
CA PRO D 165 -6.90 -25.17 30.14
C PRO D 165 -7.16 -24.04 31.12
N GLY D 166 -8.26 -24.16 31.86
CA GLY D 166 -8.63 -23.19 32.88
C GLY D 166 -9.35 -21.97 32.38
N VAL D 167 -9.61 -21.86 31.08
CA VAL D 167 -10.25 -20.69 30.49
C VAL D 167 -11.64 -21.08 30.01
N LEU D 168 -12.65 -20.36 30.49
CA LEU D 168 -14.01 -20.51 29.98
C LEU D 168 -14.15 -19.69 28.70
N SER D 169 -14.56 -20.35 27.62
CA SER D 169 -14.63 -19.71 26.31
C SER D 169 -15.99 -19.10 26.00
N ASP D 170 -17.04 -19.51 26.72
CA ASP D 170 -18.37 -19.00 26.44
C ASP D 170 -18.47 -17.53 26.81
N VAL D 171 -19.46 -16.86 26.21
CA VAL D 171 -19.64 -15.43 26.42
C VAL D 171 -20.10 -15.17 27.85
N GLN D 172 -19.59 -14.09 28.44
CA GLN D 172 -19.96 -13.65 29.78
C GLN D 172 -20.69 -12.32 29.70
N GLU D 173 -21.41 -11.99 30.78
CA GLU D 173 -21.98 -10.67 30.95
C GLU D 173 -21.88 -10.27 32.41
N GLU D 174 -21.69 -8.98 32.63
CA GLU D 174 -21.48 -8.47 33.99
C GLU D 174 -21.73 -6.97 33.96
N LYS D 175 -22.80 -6.53 34.63
CA LYS D 175 -23.21 -5.12 34.65
C LYS D 175 -23.71 -4.67 33.28
N GLY D 176 -24.42 -5.55 32.57
CA GLY D 176 -24.87 -5.24 31.23
C GLY D 176 -23.78 -5.16 30.20
N ILE D 177 -22.52 -5.39 30.58
CA ILE D 177 -21.38 -5.34 29.67
C ILE D 177 -20.98 -6.77 29.36
N LYS D 178 -21.06 -7.14 28.08
CA LYS D 178 -20.74 -8.50 27.66
C LYS D 178 -19.27 -8.57 27.25
N TYR D 179 -18.65 -9.71 27.54
CA TYR D 179 -17.24 -9.91 27.23
C TYR D 179 -16.98 -11.41 27.13
N LYS D 180 -15.73 -11.76 26.82
CA LYS D 180 -15.34 -13.15 26.67
C LYS D 180 -13.82 -13.24 26.72
N PHE D 181 -13.33 -14.42 27.12
CA PHE D 181 -11.91 -14.67 27.29
C PHE D 181 -11.35 -15.37 26.07
N GLU D 182 -10.21 -14.88 25.56
CA GLU D 182 -9.52 -15.48 24.44
C GLU D 182 -8.05 -15.68 24.79
N VAL D 183 -7.41 -16.59 24.06
CA VAL D 183 -5.97 -16.83 24.21
C VAL D 183 -5.36 -16.95 22.83
N TYR D 184 -4.30 -16.19 22.59
CA TYR D 184 -3.55 -16.24 21.34
C TYR D 184 -2.16 -16.81 21.60
N GLU D 185 -1.57 -17.40 20.57
CA GLU D 185 -0.29 -18.09 20.72
C GLU D 185 0.54 -17.93 19.46
N LYS D 186 1.86 -17.91 19.63
CA LYS D 186 2.79 -17.96 18.53
C LYS D 186 4.06 -18.67 18.99
N ASN D 187 4.93 -18.96 18.02
CA ASN D 187 6.25 -19.50 18.35
C ASN D 187 7.17 -19.22 17.16
N ASP D 188 7.99 -18.18 17.29
CA ASP D 188 8.97 -17.83 16.27
C ASP D 188 10.25 -18.64 16.50
#